data_8HPD
#
_entry.id   8HPD
#
_cell.length_a   1.00
_cell.length_b   1.00
_cell.length_c   1.00
_cell.angle_alpha   90.00
_cell.angle_beta   90.00
_cell.angle_gamma   90.00
#
_symmetry.space_group_name_H-M   'P 1'
#
loop_
_entity.id
_entity.type
_entity.pdbx_description
1 polymer 'siphonaxanthin chlorophyll a/b binding light-harvesting complex II, Bry-Lhcb1'
2 polymer 'siphonaxanthin chlorophyll a/b binding light-harvesting complex II, Bry-Lhcb3'
3 polymer 'siphonaxanthin chlorophyll a/b binding light-harvesting complex II, Bry-Lhcb2'
4 non-polymer Siphonein
5 non-polymer Siphonaxanthin
6 non-polymer (1R,3R)-6-{(3E,5E,7E,9E,11E,13E,15E,17E)-18-[(1S,4R,6R)-4-HYDROXY-2,2,6-TRIMETHYL-7-OXABICYCLO[4.1.0]HEPT-1-YL]-3,7,12,16-TETRAMETHYLOCTADECA-1,3,5,7,9,11,13,15,17-NONAENYLIDENE}-1,5,5-TRIMETHYLCYCLOHEXANE-1,3-DIOL
7 non-polymer 'CHLOROPHYLL B'
8 non-polymer 'CHLOROPHYLL A'
9 non-polymer 1,2-DIPALMITOYL-PHOSPHATIDYL-GLYCEROLE
#
loop_
_entity_poly.entity_id
_entity_poly.type
_entity_poly.pdbx_seq_one_letter_code
_entity_poly.pdbx_strand_id
1 'polypeptide(L)'
;MASAMIAQTVVGAQAARATKQVTRAAVEFYGPDRALWLGPYSEGAVPSYLTGEFPGDYGWDSAGLSADPETFAANRELEL
IHARWAMLGTVGCLTPEALEKYGGVEFGEAVWFKAGSQIFAEGGLDYLGNPSLVHAQSILAICWTQVVLMGLAEGYRCSG
GPLGEATDPLYPGEAFDPMGMADDPETFAELKTKEIKNGRLAMFAMFGFFVQSLQTGKGPVECWAEHIADPVANNGFVYA
TKFFGAQIF
;
A
2 'polypeptide(L)'
;MASTSFVSSGVKTLVPQGKVNKQVTRAAVEWYGPNRAKWLGPYSEGAVPSYLTGEFAGDYGWDTAGLSADPQTFASFREA
ELMHARWAMMGVVGCLTPEALSKYGGVEFGEAVWFKAGAQIFSEGGLDYLGNPTLVHAQSILAIVWIQAVLMGLCEGYRV
AGGPLGEDPGDAMYPGGSFDPMGMADDPDTFAELKIKEIKNGRLAMFAMTGFFVQAIQTGKGPVECWAEHIANPFTNNGF
VYATKFFGVNYFM
;
B
3 'polypeptide(L)'
;MASALASKTFVGVQKPSVSTQQSKQVTRAAVEWYGPGRELWLGPYSSGAVPSYLTGEFPGDYGWDTAGLSADPESFRRYR
EIELIHARWAMMGTVGCLTPEALERYTGATFGESVWFKAGAQIFSDDGLNYLGKPELIHAQSILAIVWTQVLIMGFAEGY
RVNGGPAGEGLDRLYPGEAFDPLGLADDPETFAELKIKEIKNGRLAMFAMFGFFVQAIQTGKGPVECWAEHVADPFGSNG
FNVDQMSKFLFFSPSA
;
C
#
# COMPACT_ATOMS: atom_id res chain seq x y z
N VAL A 27 -33.00 -13.22 9.69
CA VAL A 27 -33.51 -11.98 10.23
C VAL A 27 -32.46 -11.33 11.12
N GLU A 28 -31.31 -11.98 11.25
CA GLU A 28 -30.21 -11.48 12.07
C GLU A 28 -28.97 -11.14 11.29
N PHE A 29 -28.65 -11.90 10.24
CA PHE A 29 -27.48 -11.63 9.41
C PHE A 29 -27.88 -11.17 8.01
N TYR A 30 -29.16 -10.86 7.79
CA TYR A 30 -29.62 -10.35 6.51
C TYR A 30 -30.77 -9.38 6.76
N GLY A 31 -31.01 -8.51 5.77
CA GLY A 31 -32.08 -7.55 5.87
C GLY A 31 -31.64 -6.23 6.48
N PRO A 32 -32.61 -5.39 6.84
CA PRO A 32 -32.24 -4.09 7.42
C PRO A 32 -31.77 -4.18 8.85
N ASP A 33 -32.38 -5.04 9.67
CA ASP A 33 -32.05 -5.17 11.08
C ASP A 33 -31.03 -6.28 11.32
N ARG A 34 -29.84 -6.06 10.79
CA ARG A 34 -28.76 -7.03 10.86
C ARG A 34 -27.94 -6.83 12.14
N ALA A 35 -26.93 -7.68 12.31
CA ALA A 35 -25.86 -7.42 13.26
C ALA A 35 -24.77 -6.64 12.56
N LEU A 36 -24.47 -5.46 13.07
CA LEU A 36 -23.61 -4.50 12.38
C LEU A 36 -22.27 -4.37 13.09
N TRP A 37 -21.34 -3.71 12.39
CA TRP A 37 -19.94 -3.71 12.83
C TRP A 37 -19.67 -2.74 13.97
N LEU A 38 -20.69 -2.03 14.47
CA LEU A 38 -20.50 -1.11 15.58
C LEU A 38 -21.56 -1.30 16.66
N GLY A 39 -22.39 -2.33 16.55
CA GLY A 39 -23.43 -2.57 17.52
C GLY A 39 -24.43 -1.44 17.61
N PRO A 40 -24.68 -0.96 18.82
CA PRO A 40 -25.64 0.14 18.99
C PRO A 40 -25.23 1.44 18.32
N TYR A 41 -23.93 1.63 18.03
CA TYR A 41 -23.43 2.84 17.41
C TYR A 41 -23.20 2.67 15.91
N SER A 42 -24.06 1.90 15.25
CA SER A 42 -23.86 1.57 13.85
C SER A 42 -24.62 2.48 12.90
N GLU A 43 -25.86 2.86 13.23
CA GLU A 43 -26.65 3.68 12.34
C GLU A 43 -25.97 5.02 12.09
N GLY A 44 -26.05 5.50 10.85
CA GLY A 44 -25.30 6.68 10.47
C GLY A 44 -23.88 6.40 10.05
N ALA A 45 -23.41 5.16 10.19
CA ALA A 45 -22.08 4.77 9.73
C ALA A 45 -22.14 3.60 8.75
N VAL A 46 -23.32 3.07 8.49
CA VAL A 46 -23.51 1.99 7.52
C VAL A 46 -23.82 2.63 6.17
N PRO A 47 -23.01 2.41 5.14
CA PRO A 47 -23.28 3.02 3.84
C PRO A 47 -24.57 2.49 3.23
N SER A 48 -25.21 3.34 2.42
CA SER A 48 -26.51 3.01 1.86
C SER A 48 -26.45 1.86 0.86
N TYR A 49 -25.30 1.63 0.22
CA TYR A 49 -25.21 0.55 -0.75
C TYR A 49 -25.01 -0.81 -0.12
N LEU A 50 -24.81 -0.88 1.20
CA LEU A 50 -24.74 -2.15 1.92
C LEU A 50 -26.11 -2.40 2.54
N THR A 51 -26.97 -3.08 1.79
CA THR A 51 -28.34 -3.34 2.20
C THR A 51 -28.51 -4.73 2.82
N GLY A 52 -27.41 -5.40 3.14
CA GLY A 52 -27.48 -6.72 3.73
C GLY A 52 -28.01 -7.79 2.82
N GLU A 53 -27.61 -7.80 1.55
CA GLU A 53 -28.00 -8.82 0.61
C GLU A 53 -26.99 -9.96 0.53
N PHE A 54 -25.73 -9.69 0.85
CA PHE A 54 -24.64 -10.65 0.71
C PHE A 54 -24.16 -11.12 2.07
N PRO A 55 -23.57 -12.32 2.14
CA PRO A 55 -23.14 -12.85 3.44
C PRO A 55 -22.08 -11.98 4.10
N GLY A 56 -22.11 -11.96 5.43
CA GLY A 56 -21.16 -11.17 6.19
C GLY A 56 -21.29 -9.68 5.97
N ASP A 57 -22.52 -9.18 5.94
CA ASP A 57 -22.77 -7.75 5.70
C ASP A 57 -23.01 -7.08 7.05
N TYR A 58 -21.91 -6.69 7.69
CA TYR A 58 -21.95 -5.93 8.93
C TYR A 58 -21.97 -4.43 8.66
N GLY A 59 -22.02 -4.02 7.40
CA GLY A 59 -22.02 -2.60 7.06
C GLY A 59 -20.73 -1.89 7.37
N TRP A 60 -19.59 -2.56 7.22
CA TRP A 60 -18.29 -1.95 7.51
C TRP A 60 -17.63 -1.57 6.19
N ASP A 61 -17.98 -0.38 5.71
CA ASP A 61 -17.29 0.25 4.58
C ASP A 61 -17.10 1.72 4.95
N SER A 62 -16.01 2.02 5.65
CA SER A 62 -15.73 3.37 6.09
C SER A 62 -14.87 4.15 5.10
N ALA A 63 -14.12 3.46 4.24
CA ALA A 63 -13.31 4.11 3.22
C ALA A 63 -14.03 4.25 1.89
N GLY A 64 -15.25 3.75 1.78
CA GLY A 64 -15.98 3.83 0.53
C GLY A 64 -15.33 3.09 -0.61
N LEU A 65 -14.71 1.95 -0.34
CA LEU A 65 -14.01 1.19 -1.37
C LEU A 65 -14.92 0.26 -2.16
N SER A 66 -16.19 0.16 -1.78
CA SER A 66 -17.13 -0.75 -2.44
C SER A 66 -18.41 -0.02 -2.84
N ALA A 67 -18.33 1.30 -3.06
CA ALA A 67 -19.50 2.05 -3.48
C ALA A 67 -20.00 1.59 -4.85
N ASP A 68 -19.08 1.33 -5.77
CA ASP A 68 -19.47 0.87 -7.10
C ASP A 68 -19.87 -0.60 -7.01
N PRO A 69 -21.09 -0.96 -7.44
CA PRO A 69 -21.53 -2.36 -7.30
C PRO A 69 -20.61 -3.37 -7.96
N GLU A 70 -20.03 -3.04 -9.12
CA GLU A 70 -19.09 -3.97 -9.75
C GLU A 70 -17.81 -4.09 -8.93
N THR A 71 -17.29 -2.97 -8.42
CA THR A 71 -16.16 -3.03 -7.50
C THR A 71 -16.54 -3.76 -6.22
N PHE A 72 -17.78 -3.60 -5.77
CA PHE A 72 -18.24 -4.34 -4.59
C PHE A 72 -18.23 -5.84 -4.85
N ALA A 73 -18.68 -6.28 -6.02
CA ALA A 73 -18.66 -7.70 -6.34
C ALA A 73 -17.23 -8.23 -6.44
N ALA A 74 -16.34 -7.45 -7.06
CA ALA A 74 -14.94 -7.85 -7.13
C ALA A 74 -14.33 -7.97 -5.74
N ASN A 75 -14.66 -7.01 -4.85
CA ASN A 75 -14.16 -7.06 -3.48
C ASN A 75 -14.72 -8.27 -2.74
N ARG A 76 -15.98 -8.61 -2.97
CA ARG A 76 -16.56 -9.78 -2.34
C ARG A 76 -15.85 -11.05 -2.78
N GLU A 77 -15.58 -11.17 -4.08
CA GLU A 77 -14.86 -12.33 -4.58
C GLU A 77 -13.46 -12.41 -3.99
N LEU A 78 -12.76 -11.27 -3.95
CA LEU A 78 -11.42 -11.24 -3.37
C LEU A 78 -11.45 -11.65 -1.90
N GLU A 79 -12.43 -11.11 -1.16
CA GLU A 79 -12.53 -11.40 0.27
C GLU A 79 -12.81 -12.88 0.51
N LEU A 80 -13.71 -13.47 -0.27
CA LEU A 80 -14.03 -14.88 -0.05
C LEU A 80 -12.85 -15.78 -0.40
N ILE A 81 -12.17 -15.49 -1.51
CA ILE A 81 -10.99 -16.29 -1.87
C ILE A 81 -9.91 -16.15 -0.81
N HIS A 82 -9.67 -14.93 -0.33
CA HIS A 82 -8.71 -14.72 0.74
C HIS A 82 -9.12 -15.45 2.00
N ALA A 83 -10.42 -15.48 2.30
CA ALA A 83 -10.91 -16.14 3.50
C ALA A 83 -10.66 -17.64 3.44
N ARG A 84 -10.97 -18.26 2.30
CA ARG A 84 -10.74 -19.69 2.16
C ARG A 84 -9.25 -20.01 2.21
N TRP A 85 -8.42 -19.21 1.53
CA TRP A 85 -6.98 -19.42 1.56
C TRP A 85 -6.44 -19.25 2.97
N ALA A 86 -6.98 -18.29 3.72
CA ALA A 86 -6.51 -18.05 5.08
C ALA A 86 -6.91 -19.17 6.03
N MET A 87 -8.12 -19.71 5.86
CA MET A 87 -8.50 -20.87 6.66
C MET A 87 -7.58 -22.05 6.40
N LEU A 88 -7.34 -22.34 5.11
CA LEU A 88 -6.42 -23.42 4.77
C LEU A 88 -5.03 -23.16 5.34
N GLY A 89 -4.54 -21.93 5.23
CA GLY A 89 -3.22 -21.60 5.72
C GLY A 89 -3.11 -21.68 7.22
N THR A 90 -4.15 -21.25 7.94
CA THR A 90 -4.15 -21.35 9.39
C THR A 90 -4.07 -22.80 9.83
N VAL A 91 -4.89 -23.67 9.22
CA VAL A 91 -4.84 -25.08 9.57
C VAL A 91 -3.48 -25.67 9.24
N GLY A 92 -2.94 -25.36 8.06
CA GLY A 92 -1.67 -25.93 7.63
C GLY A 92 -0.46 -25.34 8.29
N CYS A 93 -0.60 -24.21 8.98
CA CYS A 93 0.47 -23.66 9.79
C CYS A 93 0.41 -24.16 11.23
N LEU A 94 -0.79 -24.39 11.75
CA LEU A 94 -0.90 -24.93 13.10
C LEU A 94 -0.59 -26.42 13.16
N THR A 95 -0.94 -27.17 12.11
CA THR A 95 -0.83 -28.63 12.19
C THR A 95 0.60 -29.13 12.37
N PRO A 96 1.60 -28.70 11.60
CA PRO A 96 2.94 -29.28 11.78
C PRO A 96 3.57 -28.97 13.13
N GLU A 97 3.50 -27.71 13.57
CA GLU A 97 4.09 -27.34 14.85
C GLU A 97 3.38 -28.03 16.00
N ALA A 98 2.05 -28.13 15.94
CA ALA A 98 1.31 -28.83 16.99
C ALA A 98 1.67 -30.31 17.01
N LEU A 99 1.82 -30.92 15.82
CA LEU A 99 2.21 -32.33 15.75
C LEU A 99 3.61 -32.55 16.30
N GLU A 100 4.54 -31.63 16.05
CA GLU A 100 5.89 -31.77 16.59
C GLU A 100 5.94 -31.56 18.09
N LYS A 101 5.27 -30.52 18.58
CA LYS A 101 5.36 -30.17 20.01
C LYS A 101 4.59 -31.17 20.87
N TYR A 102 3.37 -31.51 20.46
CA TYR A 102 2.49 -32.36 21.26
C TYR A 102 2.45 -33.80 20.78
N GLY A 103 2.36 -34.03 19.47
CA GLY A 103 2.25 -35.38 18.95
C GLY A 103 3.52 -36.19 19.12
N GLY A 104 4.63 -35.68 18.59
CA GLY A 104 5.90 -36.38 18.69
C GLY A 104 6.59 -36.52 17.35
N VAL A 105 5.87 -36.28 16.27
CA VAL A 105 6.41 -36.38 14.92
C VAL A 105 7.54 -35.36 14.75
N GLU A 106 8.69 -35.82 14.26
CA GLU A 106 9.86 -34.96 14.11
C GLU A 106 9.93 -34.49 12.66
N PHE A 107 9.67 -33.21 12.44
CA PHE A 107 9.79 -32.59 11.13
C PHE A 107 11.16 -31.94 10.98
N GLY A 108 11.54 -31.68 9.73
CA GLY A 108 12.76 -30.93 9.50
C GLY A 108 12.65 -29.51 10.03
N GLU A 109 11.54 -28.83 9.74
CA GLU A 109 11.27 -27.50 10.27
C GLU A 109 9.76 -27.39 10.45
N ALA A 110 9.29 -27.68 11.67
CA ALA A 110 7.85 -27.64 11.92
C ALA A 110 7.30 -26.23 11.94
N VAL A 111 8.16 -25.24 12.19
CA VAL A 111 7.72 -23.85 12.23
C VAL A 111 7.23 -23.42 10.84
N TRP A 112 6.10 -22.72 10.81
CA TRP A 112 5.46 -22.41 9.53
C TRP A 112 6.33 -21.50 8.66
N PHE A 113 6.96 -20.49 9.26
CA PHE A 113 7.79 -19.59 8.46
C PHE A 113 9.19 -20.13 8.23
N LYS A 114 9.56 -21.22 8.90
CA LYS A 114 10.80 -21.93 8.60
C LYS A 114 10.56 -23.18 7.75
N ALA A 115 9.30 -23.47 7.41
CA ALA A 115 8.99 -24.72 6.71
C ALA A 115 9.47 -24.69 5.27
N GLY A 116 9.59 -23.51 4.68
CA GLY A 116 10.08 -23.41 3.32
C GLY A 116 11.54 -23.80 3.18
N SER A 117 12.35 -23.50 4.21
CA SER A 117 13.79 -23.63 4.09
C SER A 117 14.27 -25.08 4.05
N GLN A 118 13.46 -26.03 4.49
CA GLN A 118 13.95 -27.41 4.57
C GLN A 118 14.23 -28.00 3.20
N ILE A 119 13.70 -27.37 2.15
CA ILE A 119 13.99 -27.84 0.79
C ILE A 119 15.48 -27.63 0.47
N PHE A 120 16.14 -26.72 1.17
CA PHE A 120 17.55 -26.46 0.98
C PHE A 120 18.45 -27.28 1.90
N ALA A 121 17.87 -28.17 2.72
CA ALA A 121 18.65 -28.97 3.65
C ALA A 121 19.30 -30.14 2.94
N GLU A 122 20.00 -30.99 3.70
CA GLU A 122 20.67 -32.15 3.13
C GLU A 122 19.68 -33.27 2.86
N GLY A 123 18.90 -33.64 3.89
CA GLY A 123 17.90 -34.68 3.74
C GLY A 123 16.81 -34.32 2.76
N GLY A 124 16.49 -33.04 2.69
CA GLY A 124 15.44 -32.55 1.82
C GLY A 124 14.14 -32.36 2.57
N LEU A 125 13.08 -32.09 1.81
CA LEU A 125 11.76 -31.88 2.39
C LEU A 125 11.02 -33.20 2.48
N ASP A 126 11.21 -33.93 3.58
CA ASP A 126 10.52 -35.19 3.77
C ASP A 126 9.21 -34.98 4.50
N TYR A 127 8.13 -35.50 3.91
CA TYR A 127 6.81 -35.31 4.49
C TYR A 127 6.69 -36.06 5.82
N LEU A 128 6.18 -35.35 6.83
CA LEU A 128 5.97 -35.89 8.17
C LEU A 128 7.28 -36.42 8.77
N GLY A 129 8.41 -35.92 8.26
CA GLY A 129 9.71 -36.37 8.76
C GLY A 129 10.12 -37.73 8.24
N ASN A 130 9.16 -38.52 7.78
CA ASN A 130 9.45 -39.85 7.28
C ASN A 130 10.27 -39.76 6.01
N PRO A 131 11.37 -40.50 5.89
CA PRO A 131 12.22 -40.42 4.69
C PRO A 131 11.61 -41.03 3.45
N SER A 132 10.52 -41.79 3.56
CA SER A 132 9.90 -42.46 2.43
C SER A 132 8.66 -41.74 1.91
N LEU A 133 8.37 -40.54 2.42
CA LEU A 133 7.22 -39.77 1.98
C LEU A 133 7.70 -38.50 1.30
N VAL A 134 7.27 -38.30 0.04
CA VAL A 134 7.60 -37.13 -0.76
C VAL A 134 9.10 -37.05 -0.97
N HIS A 135 9.85 -36.71 0.08
CA HIS A 135 11.30 -36.63 0.02
C HIS A 135 11.75 -35.71 -1.12
N ALA A 136 11.20 -34.50 -1.15
CA ALA A 136 11.50 -33.54 -2.21
C ALA A 136 12.95 -33.10 -2.16
N GLN A 137 13.56 -32.88 -3.33
CA GLN A 137 14.98 -32.57 -3.41
C GLN A 137 15.25 -31.36 -4.32
N SER A 138 14.21 -30.83 -4.96
CA SER A 138 14.39 -29.74 -5.92
C SER A 138 13.28 -28.71 -5.72
N ILE A 139 13.68 -27.49 -5.35
CA ILE A 139 12.71 -26.40 -5.23
C ILE A 139 12.19 -26.00 -6.61
N LEU A 140 13.04 -26.08 -7.64
CA LEU A 140 12.63 -25.70 -8.98
C LEU A 140 11.50 -26.58 -9.50
N ALA A 141 11.61 -27.89 -9.31
CA ALA A 141 10.55 -28.81 -9.74
C ALA A 141 9.24 -28.51 -9.01
N ILE A 142 9.34 -28.27 -7.71
CA ILE A 142 8.17 -27.96 -6.89
C ILE A 142 7.48 -26.72 -7.42
N CYS A 143 8.25 -25.65 -7.63
CA CYS A 143 7.69 -24.39 -8.09
C CYS A 143 7.09 -24.52 -9.49
N TRP A 144 7.80 -25.19 -10.40
CA TRP A 144 7.34 -25.27 -11.78
C TRP A 144 6.22 -26.27 -11.97
N THR A 145 5.99 -27.16 -11.01
CA THR A 145 4.78 -27.97 -11.03
C THR A 145 3.61 -27.24 -10.39
N GLN A 146 3.87 -26.52 -9.29
CA GLN A 146 2.81 -25.77 -8.63
C GLN A 146 2.25 -24.69 -9.54
N VAL A 147 3.11 -23.99 -10.27
CA VAL A 147 2.61 -22.92 -11.14
C VAL A 147 1.65 -23.50 -12.18
N VAL A 148 2.00 -24.63 -12.79
CA VAL A 148 1.15 -25.23 -13.81
C VAL A 148 -0.16 -25.69 -13.18
N LEU A 149 -0.08 -26.44 -12.08
CA LEU A 149 -1.28 -27.00 -11.48
C LEU A 149 -2.23 -25.90 -11.01
N MET A 150 -1.70 -24.90 -10.32
CA MET A 150 -2.53 -23.82 -9.83
C MET A 150 -3.00 -22.89 -10.93
N GLY A 151 -2.25 -22.73 -12.02
CA GLY A 151 -2.73 -21.96 -13.14
C GLY A 151 -3.93 -22.61 -13.78
N LEU A 152 -3.84 -23.94 -13.95
CA LEU A 152 -4.99 -24.67 -14.47
C LEU A 152 -6.18 -24.58 -13.51
N ALA A 153 -5.93 -24.73 -12.21
CA ALA A 153 -7.02 -24.66 -11.24
C ALA A 153 -7.68 -23.29 -11.23
N GLU A 154 -6.88 -22.22 -11.26
CA GLU A 154 -7.41 -20.86 -11.27
C GLU A 154 -8.12 -20.52 -12.56
N GLY A 155 -7.64 -21.03 -13.71
CA GLY A 155 -8.39 -20.86 -14.94
C GLY A 155 -9.71 -21.58 -14.93
N TYR A 156 -9.75 -22.78 -14.36
CA TYR A 156 -11.02 -23.48 -14.22
C TYR A 156 -11.96 -22.73 -13.27
N ARG A 157 -11.41 -22.13 -12.22
CA ARG A 157 -12.24 -21.35 -11.31
C ARG A 157 -12.88 -20.17 -12.02
N CYS A 158 -12.14 -19.49 -12.88
CA CYS A 158 -12.66 -18.31 -13.56
C CYS A 158 -13.61 -18.67 -14.70
N SER A 159 -13.31 -19.73 -15.44
CA SER A 159 -14.05 -20.02 -16.66
C SER A 159 -14.70 -21.40 -16.71
N GLY A 160 -14.46 -22.25 -15.72
CA GLY A 160 -15.00 -23.60 -15.76
C GLY A 160 -14.02 -24.58 -16.39
N GLY A 161 -14.29 -25.86 -16.15
CA GLY A 161 -13.43 -26.91 -16.67
C GLY A 161 -14.01 -28.29 -16.44
N PRO A 162 -13.14 -29.24 -16.08
CA PRO A 162 -13.62 -30.62 -15.87
C PRO A 162 -14.64 -30.75 -14.76
N LEU A 163 -14.56 -29.94 -13.71
CA LEU A 163 -15.38 -30.10 -12.52
C LEU A 163 -16.58 -29.17 -12.49
N GLY A 164 -16.85 -28.44 -13.57
CA GLY A 164 -18.00 -27.57 -13.59
C GLY A 164 -17.94 -26.61 -14.76
N GLU A 165 -18.88 -25.67 -14.76
CA GLU A 165 -18.99 -24.67 -15.83
C GLU A 165 -18.95 -23.26 -15.26
N ALA A 166 -18.39 -23.10 -14.06
CA ALA A 166 -18.25 -21.80 -13.41
C ALA A 166 -19.60 -21.08 -13.32
N THR A 167 -20.60 -21.79 -12.81
CA THR A 167 -21.93 -21.21 -12.66
C THR A 167 -21.91 -20.01 -11.73
N ASP A 168 -21.18 -20.11 -10.62
CA ASP A 168 -21.02 -19.02 -9.68
C ASP A 168 -19.54 -18.85 -9.38
N PRO A 169 -19.00 -17.63 -9.47
CA PRO A 169 -17.56 -17.45 -9.21
C PRO A 169 -17.14 -17.81 -7.80
N LEU A 170 -18.06 -17.79 -6.83
CA LEU A 170 -17.73 -18.07 -5.44
C LEU A 170 -18.37 -19.33 -4.89
N TYR A 171 -19.55 -19.71 -5.37
CA TYR A 171 -20.27 -20.88 -4.88
C TYR A 171 -20.69 -21.75 -6.06
N PRO A 172 -19.72 -22.40 -6.71
CA PRO A 172 -20.07 -23.23 -7.88
C PRO A 172 -21.01 -24.37 -7.57
N GLY A 173 -20.88 -24.97 -6.39
CA GLY A 173 -21.74 -26.09 -6.05
C GLY A 173 -21.42 -27.33 -6.88
N GLU A 174 -22.42 -28.20 -7.00
CA GLU A 174 -22.32 -29.43 -7.78
C GLU A 174 -21.15 -30.29 -7.33
N ALA A 175 -20.13 -30.39 -8.17
CA ALA A 175 -18.97 -31.22 -7.85
C ALA A 175 -18.23 -30.75 -6.60
N PHE A 176 -18.36 -29.47 -6.25
CA PHE A 176 -17.73 -28.93 -5.05
C PHE A 176 -18.67 -28.93 -3.86
N ASP A 177 -19.86 -29.48 -4.00
CA ASP A 177 -20.79 -29.72 -2.88
C ASP A 177 -21.30 -31.15 -2.95
N PRO A 178 -20.41 -32.14 -2.77
CA PRO A 178 -20.86 -33.53 -2.88
C PRO A 178 -21.75 -33.97 -1.73
N MET A 179 -21.56 -33.42 -0.54
CA MET A 179 -22.38 -33.79 0.61
C MET A 179 -23.79 -33.25 0.53
N GLY A 180 -24.05 -32.30 -0.37
CA GLY A 180 -25.38 -31.75 -0.53
C GLY A 180 -25.88 -30.98 0.68
N MET A 181 -25.01 -30.22 1.33
CA MET A 181 -25.39 -29.43 2.49
C MET A 181 -25.91 -28.05 2.13
N ALA A 182 -25.95 -27.71 0.85
CA ALA A 182 -26.41 -26.40 0.37
C ALA A 182 -27.63 -26.54 -0.52
N ASP A 183 -28.49 -27.52 -0.21
CA ASP A 183 -29.69 -27.77 -0.99
C ASP A 183 -30.91 -27.02 -0.47
N ASP A 184 -30.78 -26.30 0.65
CA ASP A 184 -31.86 -25.50 1.22
C ASP A 184 -31.43 -24.05 1.24
N PRO A 185 -32.19 -23.14 0.62
CA PRO A 185 -31.72 -21.73 0.57
C PRO A 185 -31.47 -21.11 1.93
N GLU A 186 -32.30 -21.41 2.93
CA GLU A 186 -32.08 -20.86 4.27
C GLU A 186 -30.78 -21.39 4.87
N THR A 187 -30.59 -22.72 4.81
CA THR A 187 -29.35 -23.31 5.30
C THR A 187 -28.18 -22.87 4.45
N PHE A 188 -28.39 -22.67 3.15
CA PHE A 188 -27.31 -22.18 2.30
C PHE A 188 -26.85 -20.80 2.74
N ALA A 189 -27.80 -19.89 3.01
CA ALA A 189 -27.44 -18.55 3.47
C ALA A 189 -26.75 -18.60 4.82
N GLU A 190 -27.27 -19.42 5.74
CA GLU A 190 -26.65 -19.54 7.06
C GLU A 190 -25.22 -20.07 6.94
N LEU A 191 -25.00 -21.08 6.09
CA LEU A 191 -23.67 -21.63 5.90
C LEU A 191 -22.75 -20.64 5.21
N LYS A 192 -23.26 -19.83 4.29
CA LYS A 192 -22.44 -18.80 3.68
C LYS A 192 -21.99 -17.76 4.71
N THR A 193 -22.90 -17.36 5.60
CA THR A 193 -22.54 -16.44 6.67
C THR A 193 -21.48 -17.06 7.58
N LYS A 194 -21.67 -18.33 7.94
CA LYS A 194 -20.69 -19.01 8.79
C LYS A 194 -19.33 -19.07 8.09
N GLU A 195 -19.32 -19.39 6.80
CA GLU A 195 -18.08 -19.49 6.04
C GLU A 195 -17.36 -18.16 6.00
N ILE A 196 -18.09 -17.07 5.72
CA ILE A 196 -17.43 -15.77 5.60
C ILE A 196 -16.92 -15.30 6.96
N LYS A 197 -17.67 -15.57 8.04
CA LYS A 197 -17.19 -15.16 9.35
C LYS A 197 -15.96 -15.96 9.77
N ASN A 198 -15.98 -17.27 9.54
CA ASN A 198 -14.81 -18.09 9.85
C ASN A 198 -13.61 -17.68 9.01
N GLY A 199 -13.84 -17.34 7.75
CA GLY A 199 -12.74 -16.89 6.91
C GLY A 199 -12.16 -15.56 7.34
N ARG A 200 -13.02 -14.63 7.76
CA ARG A 200 -12.51 -13.36 8.29
C ARG A 200 -11.72 -13.58 9.58
N LEU A 201 -12.20 -14.47 10.45
CA LEU A 201 -11.44 -14.80 11.65
C LEU A 201 -10.09 -15.42 11.29
N ALA A 202 -10.06 -16.29 10.28
CA ALA A 202 -8.80 -16.90 9.87
C ALA A 202 -7.86 -15.89 9.25
N MET A 203 -8.41 -14.91 8.50
CA MET A 203 -7.57 -13.85 7.96
C MET A 203 -6.96 -13.02 9.09
N PHE A 204 -7.75 -12.70 10.10
CA PHE A 204 -7.21 -11.99 11.27
C PHE A 204 -6.13 -12.82 11.95
N ALA A 205 -6.36 -14.12 12.09
CA ALA A 205 -5.37 -15.00 12.71
C ALA A 205 -4.10 -15.09 11.86
N MET A 206 -4.23 -15.07 10.53
CA MET A 206 -3.04 -15.15 9.68
C MET A 206 -2.24 -13.86 9.73
N PHE A 207 -2.94 -12.71 9.82
CA PHE A 207 -2.23 -11.46 10.06
C PHE A 207 -1.50 -11.49 11.39
N GLY A 208 -2.15 -12.05 12.42
CA GLY A 208 -1.47 -12.23 13.69
C GLY A 208 -0.25 -13.14 13.59
N PHE A 209 -0.37 -14.22 12.81
CA PHE A 209 0.76 -15.11 12.59
C PHE A 209 1.92 -14.36 11.95
N PHE A 210 1.62 -13.57 10.91
CA PHE A 210 2.66 -12.81 10.23
C PHE A 210 3.35 -11.84 11.18
N VAL A 211 2.56 -11.11 11.97
CA VAL A 211 3.14 -10.11 12.86
C VAL A 211 3.94 -10.76 13.97
N GLN A 212 3.45 -11.88 14.51
CA GLN A 212 4.20 -12.60 15.53
C GLN A 212 5.52 -13.13 14.97
N SER A 213 5.50 -13.65 13.75
CA SER A 213 6.73 -14.12 13.12
C SER A 213 7.72 -12.98 12.94
N LEU A 214 7.23 -11.82 12.48
CA LEU A 214 8.11 -10.68 12.31
C LEU A 214 8.65 -10.18 13.65
N GLN A 215 7.79 -10.13 14.67
CA GLN A 215 8.20 -9.58 15.96
C GLN A 215 8.93 -10.60 16.82
N THR A 216 8.23 -11.68 17.19
CA THR A 216 8.81 -12.64 18.11
C THR A 216 9.84 -13.55 17.43
N GLY A 217 9.58 -13.95 16.20
CA GLY A 217 10.46 -14.86 15.50
C GLY A 217 10.27 -16.32 15.84
N LYS A 218 9.19 -16.67 16.54
CA LYS A 218 8.90 -18.04 16.93
C LYS A 218 7.49 -18.41 16.52
N GLY A 219 7.25 -19.72 16.42
CA GLY A 219 6.01 -20.23 15.87
C GLY A 219 4.79 -19.92 16.71
N PRO A 220 3.62 -19.91 16.06
CA PRO A 220 2.38 -19.59 16.80
C PRO A 220 2.09 -20.56 17.93
N VAL A 221 2.38 -21.85 17.75
CA VAL A 221 2.15 -22.81 18.83
C VAL A 221 3.08 -22.53 20.00
N GLU A 222 4.34 -22.20 19.71
CA GLU A 222 5.27 -21.82 20.77
C GLU A 222 4.80 -20.57 21.49
N CYS A 223 4.32 -19.57 20.73
CA CYS A 223 3.81 -18.36 21.35
C CYS A 223 2.63 -18.66 22.26
N TRP A 224 1.70 -19.49 21.79
CA TRP A 224 0.53 -19.83 22.60
C TRP A 224 0.92 -20.59 23.86
N ALA A 225 1.85 -21.54 23.73
CA ALA A 225 2.28 -22.30 24.90
C ALA A 225 2.98 -21.40 25.92
N GLU A 226 3.84 -20.50 25.45
CA GLU A 226 4.52 -19.58 26.36
C GLU A 226 3.54 -18.65 27.03
N HIS A 227 2.52 -18.19 26.30
CA HIS A 227 1.53 -17.30 26.89
C HIS A 227 0.69 -18.02 27.93
N ILE A 228 0.29 -19.27 27.65
CA ILE A 228 -0.45 -20.04 28.63
C ILE A 228 0.41 -20.37 29.84
N ALA A 229 1.73 -20.46 29.67
CA ALA A 229 2.60 -20.75 30.80
C ALA A 229 2.63 -19.59 31.79
N ASP A 230 3.07 -18.42 31.33
CA ASP A 230 3.13 -17.22 32.16
C ASP A 230 2.53 -16.08 31.36
N PRO A 231 1.22 -15.83 31.51
CA PRO A 231 0.59 -14.80 30.66
C PRO A 231 0.93 -13.38 31.04
N VAL A 232 1.11 -13.10 32.33
CA VAL A 232 1.25 -11.71 32.79
C VAL A 232 2.56 -11.08 32.38
N ALA A 233 3.51 -11.84 31.84
CA ALA A 233 4.79 -11.30 31.40
C ALA A 233 5.07 -11.54 29.93
N ASN A 234 4.70 -12.70 29.40
CA ASN A 234 4.94 -13.03 28.00
C ASN A 234 3.75 -12.54 27.18
N ASN A 235 3.88 -11.35 26.61
CA ASN A 235 2.83 -10.75 25.80
C ASN A 235 3.47 -9.90 24.70
N GLY A 236 2.64 -9.13 24.00
CA GLY A 236 3.15 -8.31 22.92
C GLY A 236 3.96 -7.11 23.37
N PHE A 237 3.77 -6.66 24.61
CA PHE A 237 4.49 -5.51 25.14
C PHE A 237 5.68 -6.03 25.96
N VAL A 238 6.71 -6.45 25.26
CA VAL A 238 7.93 -6.93 25.90
C VAL A 238 9.16 -6.25 25.29
N GLU B 30 -7.15 -8.11 -33.28
CA GLU B 30 -6.52 -9.06 -32.36
C GLU B 30 -6.21 -8.39 -31.03
N TRP B 31 -6.03 -7.06 -31.06
CA TRP B 31 -5.79 -6.28 -29.86
C TRP B 31 -6.95 -5.37 -29.48
N TYR B 32 -7.96 -5.25 -30.33
CA TYR B 32 -9.13 -4.44 -30.05
C TYR B 32 -10.39 -5.23 -30.39
N GLY B 33 -11.49 -4.86 -29.74
CA GLY B 33 -12.77 -5.47 -30.01
C GLY B 33 -13.07 -6.67 -29.13
N PRO B 34 -14.28 -7.22 -29.28
CA PRO B 34 -14.64 -8.39 -28.45
C PRO B 34 -13.76 -9.60 -28.67
N ASN B 35 -13.23 -9.79 -29.88
CA ASN B 35 -12.44 -10.96 -30.21
C ASN B 35 -10.94 -10.71 -30.08
N ARG B 36 -10.54 -9.85 -29.14
CA ARG B 36 -9.13 -9.55 -28.94
C ARG B 36 -8.46 -10.65 -28.12
N ALA B 37 -7.20 -10.43 -27.78
CA ALA B 37 -6.45 -11.35 -26.95
C ALA B 37 -6.58 -10.91 -25.49
N LYS B 38 -7.16 -11.76 -24.66
CA LYS B 38 -7.43 -11.44 -23.27
C LYS B 38 -6.32 -11.97 -22.36
N TRP B 39 -6.39 -11.57 -21.09
CA TRP B 39 -5.28 -11.83 -20.18
C TRP B 39 -5.19 -13.30 -19.79
N LEU B 40 -6.32 -13.97 -19.61
CA LEU B 40 -6.29 -15.36 -19.19
C LEU B 40 -6.23 -16.34 -20.36
N GLY B 41 -6.09 -15.85 -21.59
CA GLY B 41 -6.00 -16.69 -22.75
C GLY B 41 -7.27 -17.48 -23.02
N PRO B 42 -7.11 -18.79 -23.24
CA PRO B 42 -8.30 -19.63 -23.49
C PRO B 42 -9.29 -19.68 -22.34
N TYR B 43 -8.84 -19.41 -21.12
CA TYR B 43 -9.71 -19.41 -19.94
C TYR B 43 -10.12 -18.01 -19.53
N SER B 44 -10.32 -17.12 -20.50
CA SER B 44 -10.66 -15.73 -20.21
C SER B 44 -12.15 -15.49 -20.04
N GLU B 45 -12.99 -16.35 -20.62
CA GLU B 45 -14.44 -16.15 -20.53
C GLU B 45 -14.90 -16.16 -19.09
N GLY B 46 -15.57 -15.08 -18.68
CA GLY B 46 -15.99 -14.91 -17.31
C GLY B 46 -15.04 -14.14 -16.44
N ALA B 47 -13.78 -13.98 -16.87
CA ALA B 47 -12.80 -13.20 -16.14
C ALA B 47 -12.60 -11.80 -16.71
N VAL B 48 -13.36 -11.44 -17.73
CA VAL B 48 -13.24 -10.14 -18.39
C VAL B 48 -14.37 -9.25 -17.87
N PRO B 49 -14.06 -8.11 -17.25
CA PRO B 49 -15.12 -7.22 -16.78
C PRO B 49 -15.90 -6.62 -17.94
N SER B 50 -17.15 -6.25 -17.65
CA SER B 50 -18.03 -5.72 -18.68
C SER B 50 -17.59 -4.35 -19.17
N TYR B 51 -16.88 -3.58 -18.36
CA TYR B 51 -16.45 -2.24 -18.75
C TYR B 51 -15.17 -2.24 -19.56
N LEU B 52 -14.48 -3.37 -19.68
CA LEU B 52 -13.28 -3.50 -20.51
C LEU B 52 -13.73 -4.10 -21.84
N THR B 53 -14.07 -3.22 -22.78
CA THR B 53 -14.60 -3.62 -24.08
C THR B 53 -13.55 -3.61 -25.18
N GLY B 54 -12.28 -3.55 -24.81
CA GLY B 54 -11.22 -3.52 -25.81
C GLY B 54 -11.21 -2.28 -26.67
N GLU B 55 -11.38 -1.10 -26.06
CA GLU B 55 -11.36 0.17 -26.77
C GLU B 55 -10.02 0.88 -26.69
N PHE B 56 -9.35 0.79 -25.54
CA PHE B 56 -8.07 1.47 -25.33
C PHE B 56 -6.91 0.51 -25.54
N ALA B 57 -5.71 1.09 -25.61
CA ALA B 57 -4.52 0.31 -25.89
C ALA B 57 -4.21 -0.65 -24.74
N GLY B 58 -3.79 -1.85 -25.09
CA GLY B 58 -3.42 -2.85 -24.10
C GLY B 58 -4.55 -3.35 -23.24
N ASP B 59 -5.71 -3.59 -23.84
CA ASP B 59 -6.89 -4.06 -23.10
C ASP B 59 -6.91 -5.59 -23.15
N TYR B 60 -6.27 -6.21 -22.18
CA TYR B 60 -6.30 -7.66 -22.03
C TYR B 60 -7.44 -8.13 -21.12
N GLY B 61 -8.26 -7.21 -20.63
CA GLY B 61 -9.35 -7.57 -19.75
C GLY B 61 -8.94 -7.95 -18.35
N TRP B 62 -7.75 -7.55 -17.92
CA TRP B 62 -7.26 -7.89 -16.57
C TRP B 62 -7.70 -6.81 -15.60
N ASP B 63 -8.83 -7.04 -14.94
CA ASP B 63 -9.25 -6.19 -13.82
C ASP B 63 -10.03 -7.08 -12.85
N THR B 64 -9.32 -7.64 -11.86
CA THR B 64 -9.94 -8.52 -10.89
C THR B 64 -10.37 -7.80 -9.62
N ALA B 65 -9.76 -6.66 -9.31
CA ALA B 65 -10.11 -5.88 -8.15
C ALA B 65 -11.18 -4.84 -8.45
N GLY B 66 -11.55 -4.66 -9.72
CA GLY B 66 -12.54 -3.67 -10.08
C GLY B 66 -12.12 -2.25 -9.78
N LEU B 67 -10.82 -1.95 -9.88
CA LEU B 67 -10.33 -0.61 -9.60
C LEU B 67 -10.61 0.37 -10.73
N SER B 68 -10.83 -0.12 -11.94
CA SER B 68 -11.05 0.73 -13.10
C SER B 68 -12.49 0.63 -13.62
N ALA B 69 -13.42 0.22 -12.74
CA ALA B 69 -14.81 0.11 -13.15
C ALA B 69 -15.40 1.49 -13.50
N ASP B 70 -15.06 2.50 -12.73
CA ASP B 70 -15.54 3.84 -13.00
C ASP B 70 -14.78 4.43 -14.18
N PRO B 71 -15.47 4.87 -15.24
CA PRO B 71 -14.75 5.35 -16.44
C PRO B 71 -13.78 6.49 -16.17
N GLN B 72 -14.11 7.40 -15.27
CA GLN B 72 -13.18 8.48 -14.94
C GLN B 72 -11.95 7.92 -14.22
N THR B 73 -12.17 7.03 -13.25
CA THR B 73 -11.06 6.36 -12.61
C THR B 73 -10.30 5.49 -13.60
N PHE B 74 -11.00 4.90 -14.57
CA PHE B 74 -10.34 4.14 -15.63
C PHE B 74 -9.39 5.03 -16.43
N ALA B 75 -9.85 6.22 -16.80
CA ALA B 75 -8.99 7.13 -17.56
C ALA B 75 -7.79 7.59 -16.74
N SER B 76 -8.03 7.90 -15.46
CA SER B 76 -6.91 8.31 -14.60
C SER B 76 -5.90 7.20 -14.45
N PHE B 77 -6.37 5.95 -14.28
CA PHE B 77 -5.47 4.83 -14.16
C PHE B 77 -4.73 4.56 -15.46
N ARG B 78 -5.39 4.78 -16.61
CA ARG B 78 -4.70 4.64 -17.88
C ARG B 78 -3.57 5.65 -18.01
N GLU B 79 -3.84 6.91 -17.63
CA GLU B 79 -2.79 7.92 -17.67
C GLU B 79 -1.62 7.56 -16.75
N ALA B 80 -1.94 7.12 -15.53
CA ALA B 80 -0.90 6.74 -14.59
C ALA B 80 -0.10 5.55 -15.13
N GLU B 81 -0.78 4.57 -15.69
CA GLU B 81 -0.11 3.39 -16.25
C GLU B 81 0.82 3.78 -17.39
N LEU B 82 0.37 4.66 -18.28
CA LEU B 82 1.21 5.01 -19.43
C LEU B 82 2.41 5.84 -18.99
N MET B 83 2.22 6.76 -18.04
CA MET B 83 3.35 7.53 -17.54
C MET B 83 4.36 6.61 -16.85
N HIS B 84 3.87 5.68 -16.04
CA HIS B 84 4.74 4.70 -15.38
C HIS B 84 5.47 3.86 -16.41
N ALA B 85 4.76 3.46 -17.48
CA ALA B 85 5.36 2.63 -18.51
C ALA B 85 6.50 3.36 -19.21
N ARG B 86 6.28 4.61 -19.60
CA ARG B 86 7.33 5.37 -20.26
C ARG B 86 8.51 5.61 -19.32
N TRP B 87 8.23 5.93 -18.05
CA TRP B 87 9.31 6.14 -17.10
C TRP B 87 10.10 4.85 -16.89
N ALA B 88 9.43 3.70 -16.87
CA ALA B 88 10.13 2.44 -16.70
C ALA B 88 10.93 2.04 -17.93
N MET B 89 10.42 2.35 -19.13
CA MET B 89 11.21 2.10 -20.34
C MET B 89 12.47 2.95 -20.36
N MET B 90 12.37 4.20 -19.90
CA MET B 90 13.58 4.99 -19.71
C MET B 90 14.49 4.37 -18.65
N GLY B 91 13.89 3.92 -17.54
CA GLY B 91 14.68 3.49 -16.40
C GLY B 91 15.45 2.20 -16.63
N VAL B 92 14.86 1.25 -17.36
CA VAL B 92 15.55 -0.01 -17.61
C VAL B 92 16.83 0.23 -18.41
N VAL B 93 16.73 1.07 -19.45
CA VAL B 93 17.92 1.41 -20.23
C VAL B 93 18.91 2.20 -19.39
N GLY B 94 18.41 3.13 -18.58
CA GLY B 94 19.31 3.92 -17.74
C GLY B 94 19.99 3.15 -16.64
N CYS B 95 19.40 2.03 -16.23
CA CYS B 95 20.00 1.16 -15.22
C CYS B 95 20.90 0.10 -15.82
N LEU B 96 20.66 -0.30 -17.07
CA LEU B 96 21.49 -1.32 -17.70
C LEU B 96 22.67 -0.76 -18.46
N THR B 97 22.56 0.44 -19.06
CA THR B 97 23.64 0.97 -19.88
C THR B 97 24.94 1.19 -19.12
N PRO B 98 24.95 1.88 -17.95
CA PRO B 98 26.23 2.09 -17.25
C PRO B 98 26.90 0.79 -16.85
N GLU B 99 26.13 -0.15 -16.31
CA GLU B 99 26.70 -1.42 -15.87
C GLU B 99 27.22 -2.21 -17.05
N ALA B 100 26.48 -2.22 -18.17
CA ALA B 100 26.92 -2.93 -19.35
C ALA B 100 28.22 -2.33 -19.91
N LEU B 101 28.29 -0.99 -19.94
CA LEU B 101 29.48 -0.31 -20.42
C LEU B 101 30.69 -0.58 -19.53
N SER B 102 30.48 -0.59 -18.22
CA SER B 102 31.56 -0.83 -17.27
C SER B 102 32.05 -2.27 -17.37
N LYS B 103 31.13 -3.23 -17.35
CA LYS B 103 31.48 -4.64 -17.33
C LYS B 103 31.98 -5.13 -18.68
N TYR B 104 31.14 -5.04 -19.71
CA TYR B 104 31.46 -5.61 -21.02
C TYR B 104 32.24 -4.65 -21.90
N GLY B 105 32.03 -3.35 -21.74
CA GLY B 105 32.78 -2.38 -22.52
C GLY B 105 34.12 -2.07 -21.92
N GLY B 106 34.45 -0.78 -21.83
CA GLY B 106 35.72 -0.37 -21.25
C GLY B 106 35.62 0.87 -20.39
N VAL B 107 34.41 1.39 -20.22
CA VAL B 107 34.24 2.61 -19.45
C VAL B 107 34.43 2.30 -17.96
N GLU B 108 34.82 3.32 -17.21
CA GLU B 108 35.30 3.16 -15.83
C GLU B 108 34.50 4.07 -14.88
N PHE B 109 33.18 3.98 -14.96
CA PHE B 109 32.31 4.75 -14.07
C PHE B 109 32.73 4.57 -12.62
N GLY B 110 32.52 5.63 -11.82
CA GLY B 110 32.79 5.53 -10.40
C GLY B 110 31.90 4.52 -9.71
N GLU B 111 30.60 4.54 -10.04
CA GLU B 111 29.65 3.56 -9.53
C GLU B 111 28.79 3.09 -10.70
N ALA B 112 29.02 1.86 -11.14
CA ALA B 112 28.33 1.31 -12.30
C ALA B 112 26.91 0.89 -12.01
N VAL B 113 26.66 0.26 -10.86
CA VAL B 113 25.32 -0.24 -10.55
C VAL B 113 24.38 0.93 -10.36
N TRP B 114 23.12 0.72 -10.73
CA TRP B 114 22.15 1.80 -10.67
C TRP B 114 21.79 2.17 -9.24
N PHE B 115 21.74 1.19 -8.35
CA PHE B 115 21.27 1.44 -6.99
C PHE B 115 22.33 2.05 -6.09
N LYS B 116 23.57 2.19 -6.55
CA LYS B 116 24.58 2.98 -5.86
C LYS B 116 25.14 4.09 -6.72
N ALA B 117 24.52 4.38 -7.86
CA ALA B 117 25.00 5.46 -8.72
C ALA B 117 24.86 6.82 -8.03
N GLY B 118 23.73 7.05 -7.37
CA GLY B 118 23.53 8.33 -6.70
C GLY B 118 24.57 8.61 -5.63
N ALA B 119 25.01 7.56 -4.93
CA ALA B 119 26.04 7.73 -3.91
C ALA B 119 27.34 8.25 -4.50
N GLN B 120 27.51 8.17 -5.82
CA GLN B 120 28.70 8.75 -6.44
C GLN B 120 28.77 10.26 -6.26
N ILE B 121 27.65 10.92 -5.99
CA ILE B 121 27.70 12.37 -5.76
C ILE B 121 28.49 12.68 -4.50
N PHE B 122 28.52 11.76 -3.54
CA PHE B 122 29.29 11.93 -2.31
C PHE B 122 30.68 11.30 -2.44
N SER B 123 31.42 11.70 -3.46
CA SER B 123 32.76 11.17 -3.71
C SER B 123 33.75 12.33 -3.85
N GLU B 124 35.02 12.02 -3.61
CA GLU B 124 36.06 13.03 -3.74
C GLU B 124 36.15 13.55 -5.17
N GLY B 125 36.13 12.65 -6.14
CA GLY B 125 36.13 13.04 -7.53
C GLY B 125 34.86 13.74 -7.95
N GLY B 126 33.72 13.22 -7.49
CA GLY B 126 32.44 13.79 -7.85
C GLY B 126 31.63 12.88 -8.75
N LEU B 127 30.58 13.43 -9.37
CA LEU B 127 29.73 12.66 -10.29
C LEU B 127 30.17 12.92 -11.73
N ASP B 128 31.23 12.24 -12.12
CA ASP B 128 31.80 12.40 -13.45
C ASP B 128 31.01 11.56 -14.46
N TYR B 129 30.57 12.19 -15.53
CA TYR B 129 29.82 11.48 -16.57
C TYR B 129 30.76 10.60 -17.39
N LEU B 130 30.39 9.33 -17.55
CA LEU B 130 31.17 8.37 -18.32
C LEU B 130 32.60 8.24 -17.79
N GLY B 131 32.79 8.49 -16.50
CA GLY B 131 34.11 8.46 -15.90
C GLY B 131 35.03 9.59 -16.28
N ASN B 132 34.66 10.42 -17.25
CA ASN B 132 35.52 11.52 -17.68
C ASN B 132 35.37 12.68 -16.70
N PRO B 133 36.47 13.15 -16.10
CA PRO B 133 36.37 14.31 -15.19
C PRO B 133 36.04 15.62 -15.89
N THR B 134 36.07 15.67 -17.22
CA THR B 134 35.78 16.88 -17.97
C THR B 134 34.30 16.96 -18.34
N LEU B 135 33.56 15.88 -18.08
CA LEU B 135 32.15 15.80 -18.42
C LEU B 135 31.32 15.92 -17.14
N VAL B 136 30.39 16.87 -17.14
CA VAL B 136 29.47 17.12 -16.02
C VAL B 136 30.26 17.51 -14.78
N HIS B 137 31.01 16.57 -14.20
CA HIS B 137 31.83 16.84 -13.02
C HIS B 137 31.01 17.46 -11.90
N ALA B 138 29.86 16.86 -11.61
CA ALA B 138 28.96 17.41 -10.60
C ALA B 138 29.60 17.38 -9.22
N GLN B 139 29.37 18.43 -8.45
CA GLN B 139 29.97 18.55 -7.13
C GLN B 139 28.99 18.90 -6.02
N SER B 140 27.76 19.32 -6.34
CA SER B 140 26.81 19.77 -5.33
C SER B 140 25.47 19.08 -5.57
N ILE B 141 25.03 18.28 -4.60
CA ILE B 141 23.74 17.60 -4.72
C ILE B 141 22.58 18.57 -4.57
N LEU B 142 22.75 19.62 -3.78
CA LEU B 142 21.67 20.57 -3.56
C LEU B 142 21.29 21.29 -4.84
N ALA B 143 22.28 21.81 -5.56
CA ALA B 143 22.00 22.47 -6.84
C ALA B 143 21.35 21.49 -7.81
N ILE B 144 21.84 20.25 -7.86
CA ILE B 144 21.28 19.25 -8.75
C ILE B 144 19.80 19.04 -8.44
N VAL B 145 19.47 18.82 -7.17
CA VAL B 145 18.09 18.49 -6.81
C VAL B 145 17.18 19.69 -7.05
N TRP B 146 17.66 20.90 -6.79
CA TRP B 146 16.77 22.04 -6.99
C TRP B 146 16.57 22.39 -8.47
N ILE B 147 17.62 22.31 -9.29
CA ILE B 147 17.41 22.57 -10.71
C ILE B 147 16.54 21.47 -11.31
N GLN B 148 16.70 20.22 -10.86
CA GLN B 148 15.83 19.16 -11.33
C GLN B 148 14.39 19.43 -10.91
N ALA B 149 14.18 19.87 -9.67
CA ALA B 149 12.82 20.16 -9.20
C ALA B 149 12.18 21.24 -10.06
N VAL B 150 12.92 22.32 -10.33
CA VAL B 150 12.36 23.41 -11.12
C VAL B 150 12.03 22.94 -12.54
N LEU B 151 12.99 22.27 -13.19
CA LEU B 151 12.79 21.85 -14.57
C LEU B 151 11.65 20.84 -14.69
N MET B 152 11.61 19.87 -13.77
CA MET B 152 10.55 18.86 -13.84
C MET B 152 9.19 19.44 -13.45
N GLY B 153 9.16 20.42 -12.55
CA GLY B 153 7.90 21.10 -12.28
C GLY B 153 7.37 21.80 -13.51
N LEU B 154 8.24 22.52 -14.22
CA LEU B 154 7.82 23.15 -15.47
C LEU B 154 7.36 22.12 -16.49
N CYS B 155 8.12 21.02 -16.62
CA CYS B 155 7.78 20.00 -17.61
C CYS B 155 6.44 19.34 -17.31
N GLU B 156 6.19 19.01 -16.03
CA GLU B 156 4.94 18.35 -15.67
C GLU B 156 3.76 19.31 -15.71
N GLY B 157 4.01 20.60 -15.46
CA GLY B 157 2.96 21.59 -15.67
C GLY B 157 2.60 21.73 -17.13
N TYR B 158 3.61 21.68 -18.01
CA TYR B 158 3.34 21.71 -19.44
C TYR B 158 2.63 20.44 -19.89
N ARG B 159 2.96 19.31 -19.27
CA ARG B 159 2.38 18.03 -19.67
C ARG B 159 0.88 17.99 -19.45
N VAL B 160 0.39 18.60 -18.37
CA VAL B 160 -1.02 18.53 -18.01
C VAL B 160 -1.80 19.78 -18.40
N ALA B 161 -1.11 20.85 -18.81
CA ALA B 161 -1.82 22.10 -19.12
C ALA B 161 -1.29 22.78 -20.38
N GLY B 162 -0.40 22.14 -21.14
CA GLY B 162 0.17 22.74 -22.32
C GLY B 162 1.29 23.71 -21.97
N GLY B 163 1.98 24.16 -23.01
CA GLY B 163 3.10 25.06 -22.83
C GLY B 163 3.75 25.46 -24.14
N PRO B 164 5.05 25.75 -24.09
CA PRO B 164 5.75 26.18 -25.30
C PRO B 164 5.74 25.17 -26.44
N LEU B 165 5.74 23.87 -26.12
CA LEU B 165 5.79 22.83 -27.14
C LEU B 165 4.40 22.41 -27.60
N GLY B 166 3.34 23.00 -27.07
CA GLY B 166 2.01 22.67 -27.49
C GLY B 166 0.99 23.07 -26.44
N GLU B 167 -0.27 23.05 -26.87
CA GLU B 167 -1.40 23.39 -26.00
C GLU B 167 -2.06 22.14 -25.44
N ASP B 168 -1.32 21.03 -25.40
CA ASP B 168 -1.81 19.73 -24.97
C ASP B 168 -3.03 19.33 -25.80
N PRO B 169 -2.90 19.18 -27.11
CA PRO B 169 -4.06 18.78 -27.91
C PRO B 169 -4.52 17.36 -27.64
N GLY B 170 -3.61 16.48 -27.24
CA GLY B 170 -3.93 15.08 -27.06
C GLY B 170 -4.64 14.78 -25.76
N ASP B 171 -4.77 13.49 -25.46
CA ASP B 171 -5.47 13.02 -24.26
C ASP B 171 -4.61 13.18 -23.02
N ALA B 172 -3.54 13.97 -23.13
CA ALA B 172 -2.46 14.15 -22.15
C ALA B 172 -1.58 12.90 -22.11
N MET B 173 -1.76 11.97 -23.05
CA MET B 173 -0.93 10.78 -23.15
C MET B 173 -0.30 10.70 -24.52
N TYR B 174 -1.01 11.19 -25.54
CA TYR B 174 -0.56 11.15 -26.93
C TYR B 174 -0.69 12.54 -27.56
N PRO B 175 0.13 13.50 -27.15
CA PRO B 175 0.02 14.86 -27.71
C PRO B 175 0.23 14.90 -29.21
N GLY B 176 1.37 14.43 -29.67
CA GLY B 176 1.72 14.49 -31.07
C GLY B 176 2.10 15.89 -31.51
N GLY B 177 2.21 16.05 -32.82
CA GLY B 177 2.53 17.34 -33.40
C GLY B 177 4.00 17.72 -33.21
N SER B 178 4.38 17.98 -31.96
CA SER B 178 5.76 18.30 -31.64
C SER B 178 6.51 17.16 -30.98
N PHE B 179 5.80 16.22 -30.34
CA PHE B 179 6.41 15.04 -29.76
C PHE B 179 6.35 13.84 -30.69
N ASP B 180 5.86 14.03 -31.92
CA ASP B 180 5.92 13.03 -32.97
C ASP B 180 6.49 13.69 -34.23
N PRO B 181 7.77 14.07 -34.19
CA PRO B 181 8.34 14.80 -35.34
C PRO B 181 8.48 13.93 -36.59
N MET B 182 8.69 12.63 -36.43
CA MET B 182 8.87 11.75 -37.58
C MET B 182 7.57 11.38 -38.25
N GLY B 183 6.43 11.74 -37.67
CA GLY B 183 5.15 11.43 -38.28
C GLY B 183 4.85 9.94 -38.38
N MET B 184 5.24 9.18 -37.36
CA MET B 184 5.01 7.74 -37.37
C MET B 184 3.58 7.37 -36.97
N ALA B 185 2.79 8.33 -36.51
CA ALA B 185 1.43 8.08 -36.05
C ALA B 185 0.43 8.88 -36.87
N ASP B 186 0.64 8.96 -38.18
CA ASP B 186 -0.27 9.67 -39.07
C ASP B 186 -1.37 8.79 -39.65
N ASP B 187 -1.29 7.48 -39.42
CA ASP B 187 -2.31 6.55 -39.90
C ASP B 187 -2.99 5.93 -38.69
N PRO B 188 -4.31 6.06 -38.57
CA PRO B 188 -4.99 5.57 -37.36
C PRO B 188 -4.77 4.09 -37.07
N ASP B 189 -4.72 3.24 -38.09
CA ASP B 189 -4.45 1.82 -37.86
C ASP B 189 -3.04 1.62 -37.31
N THR B 190 -2.04 2.23 -37.96
CA THR B 190 -0.68 2.15 -37.45
C THR B 190 -0.57 2.85 -36.10
N PHE B 191 -1.36 3.89 -35.88
CA PHE B 191 -1.35 4.56 -34.57
C PHE B 191 -1.82 3.60 -33.48
N ALA B 192 -2.91 2.87 -33.74
CA ALA B 192 -3.40 1.90 -32.75
C ALA B 192 -2.40 0.77 -32.54
N GLU B 193 -1.80 0.28 -33.62
CA GLU B 193 -0.81 -0.78 -33.49
C GLU B 193 0.39 -0.31 -32.67
N LEU B 194 0.86 0.91 -32.92
CA LEU B 194 1.99 1.45 -32.17
C LEU B 194 1.61 1.72 -30.72
N LYS B 195 0.36 2.09 -30.45
CA LYS B 195 -0.08 2.25 -29.06
C LYS B 195 -0.08 0.90 -28.33
N ILE B 196 -0.52 -0.16 -29.01
CA ILE B 196 -0.45 -1.50 -28.42
C ILE B 196 0.99 -1.86 -28.13
N LYS B 197 1.89 -1.63 -29.09
CA LYS B 197 3.29 -1.94 -28.88
C LYS B 197 3.89 -1.13 -27.73
N GLU B 198 3.55 0.15 -27.66
CA GLU B 198 4.05 1.00 -26.58
C GLU B 198 3.59 0.51 -25.22
N ILE B 199 2.29 0.20 -25.08
CA ILE B 199 1.80 -0.20 -23.77
C ILE B 199 2.35 -1.56 -23.38
N LYS B 200 2.48 -2.50 -24.32
CA LYS B 200 3.05 -3.79 -23.99
C LYS B 200 4.52 -3.67 -23.61
N ASN B 201 5.29 -2.89 -24.36
CA ASN B 201 6.69 -2.66 -24.01
C ASN B 201 6.84 -1.98 -22.67
N GLY B 202 5.99 -1.00 -22.36
CA GLY B 202 6.03 -0.32 -21.09
C GLY B 202 5.66 -1.23 -19.93
N ARG B 203 4.67 -2.10 -20.13
CA ARG B 203 4.34 -3.08 -19.08
C ARG B 203 5.49 -4.05 -18.85
N LEU B 204 6.13 -4.51 -19.92
CA LEU B 204 7.30 -5.37 -19.78
C LEU B 204 8.43 -4.64 -19.05
N ALA B 205 8.64 -3.37 -19.38
CA ALA B 205 9.68 -2.59 -18.72
C ALA B 205 9.37 -2.36 -17.24
N MET B 206 8.09 -2.16 -16.92
CA MET B 206 7.69 -2.03 -15.51
C MET B 206 7.93 -3.33 -14.76
N PHE B 207 7.60 -4.46 -15.37
CA PHE B 207 7.89 -5.76 -14.77
C PHE B 207 9.38 -5.93 -14.53
N ALA B 208 10.20 -5.56 -15.52
CA ALA B 208 11.65 -5.66 -15.37
C ALA B 208 12.17 -4.70 -14.33
N MET B 209 11.55 -3.53 -14.17
CA MET B 209 12.02 -2.57 -13.19
C MET B 209 11.70 -3.04 -11.77
N THR B 210 10.53 -3.65 -11.59
CA THR B 210 10.23 -4.31 -10.32
C THR B 210 11.21 -5.43 -10.05
N GLY B 211 11.56 -6.20 -11.08
CA GLY B 211 12.60 -7.20 -10.92
C GLY B 211 13.92 -6.60 -10.50
N PHE B 212 14.28 -5.45 -11.08
CA PHE B 212 15.51 -4.76 -10.68
C PHE B 212 15.47 -4.37 -9.21
N PHE B 213 14.34 -3.81 -8.78
CA PHE B 213 14.19 -3.42 -7.37
C PHE B 213 14.35 -4.63 -6.45
N VAL B 214 13.67 -5.72 -6.76
CA VAL B 214 13.68 -6.87 -5.88
C VAL B 214 15.06 -7.53 -5.88
N GLN B 215 15.72 -7.59 -7.04
CA GLN B 215 17.06 -8.14 -7.09
C GLN B 215 18.04 -7.29 -6.29
N ALA B 216 17.93 -5.96 -6.39
CA ALA B 216 18.79 -5.09 -5.61
C ALA B 216 18.55 -5.27 -4.13
N ILE B 217 17.29 -5.43 -3.73
CA ILE B 217 16.97 -5.59 -2.31
C ILE B 217 17.51 -6.92 -1.79
N GLN B 218 17.33 -8.00 -2.55
CA GLN B 218 17.65 -9.34 -2.05
C GLN B 218 19.13 -9.68 -2.25
N THR B 219 19.59 -9.70 -3.50
CA THR B 219 20.95 -10.10 -3.80
C THR B 219 21.97 -8.99 -3.60
N GLY B 220 21.55 -7.73 -3.72
CA GLY B 220 22.48 -6.64 -3.57
C GLY B 220 23.44 -6.48 -4.72
N LYS B 221 23.08 -6.96 -5.91
CA LYS B 221 23.93 -6.88 -7.08
C LYS B 221 23.15 -6.25 -8.23
N GLY B 222 23.89 -5.68 -9.18
CA GLY B 222 23.30 -5.05 -10.33
C GLY B 222 22.66 -6.06 -11.27
N PRO B 223 21.70 -5.61 -12.08
CA PRO B 223 21.02 -6.54 -12.99
C PRO B 223 21.97 -7.23 -13.96
N VAL B 224 22.97 -6.52 -14.48
CA VAL B 224 23.92 -7.13 -15.41
C VAL B 224 24.74 -8.19 -14.71
N GLU B 225 25.18 -7.91 -13.48
CA GLU B 225 25.95 -8.91 -12.73
C GLU B 225 25.12 -10.16 -12.44
N CYS B 226 23.86 -9.97 -12.04
CA CYS B 226 22.99 -11.12 -11.78
C CYS B 226 22.75 -11.92 -13.06
N TRP B 227 22.51 -11.23 -14.18
CA TRP B 227 22.30 -11.93 -15.45
C TRP B 227 23.55 -12.72 -15.85
N ALA B 228 24.72 -12.11 -15.70
CA ALA B 228 25.96 -12.80 -16.06
C ALA B 228 26.19 -14.01 -15.15
N GLU B 229 25.89 -13.87 -13.86
CA GLU B 229 26.03 -15.01 -12.94
C GLU B 229 25.08 -16.13 -13.31
N HIS B 230 23.86 -15.79 -13.71
CA HIS B 230 22.86 -16.82 -14.01
C HIS B 230 23.21 -17.59 -15.27
N ILE B 231 23.85 -16.94 -16.24
CA ILE B 231 24.19 -17.60 -17.50
C ILE B 231 25.34 -18.57 -17.27
N ALA B 232 26.07 -18.40 -16.16
CA ALA B 232 27.23 -19.24 -15.89
C ALA B 232 26.81 -20.62 -15.39
N ASN B 233 26.11 -20.67 -14.25
CA ASN B 233 25.61 -21.91 -13.68
C ASN B 233 24.14 -21.69 -13.31
N PRO B 234 23.24 -21.75 -14.30
CA PRO B 234 21.84 -21.37 -14.04
C PRO B 234 21.17 -22.20 -12.95
N PHE B 235 21.45 -23.49 -12.88
CA PHE B 235 20.74 -24.36 -11.95
C PHE B 235 21.15 -24.15 -10.50
N THR B 236 22.22 -23.39 -10.23
CA THR B 236 22.69 -23.18 -8.88
C THR B 236 22.47 -21.75 -8.38
N ASN B 237 22.27 -20.79 -9.29
CA ASN B 237 22.09 -19.39 -8.93
C ASN B 237 20.68 -18.90 -9.27
N ASN B 238 19.67 -19.69 -8.90
CA ASN B 238 18.28 -19.27 -9.06
C ASN B 238 17.98 -18.14 -8.09
N GLY B 239 16.74 -17.67 -8.08
CA GLY B 239 16.30 -16.80 -7.02
C GLY B 239 16.04 -17.50 -5.71
N PHE B 240 16.07 -18.83 -5.72
CA PHE B 240 15.85 -19.64 -4.53
C PHE B 240 17.16 -19.91 -3.79
N VAL B 241 17.91 -18.84 -3.52
CA VAL B 241 19.12 -18.90 -2.73
C VAL B 241 19.05 -17.94 -1.54
N TYR B 242 18.60 -16.72 -1.79
CA TYR B 242 18.38 -15.71 -0.75
C TYR B 242 16.89 -15.57 -0.42
N ALA B 243 16.15 -16.68 -0.45
CA ALA B 243 14.73 -16.64 -0.17
C ALA B 243 14.43 -16.20 1.25
N THR B 244 15.38 -16.35 2.16
CA THR B 244 15.21 -15.89 3.53
C THR B 244 15.33 -14.37 3.58
N LYS B 245 14.95 -13.79 4.72
CA LYS B 245 15.04 -12.34 4.96
C LYS B 245 14.25 -11.55 3.91
N PHE B 246 12.93 -11.73 3.98
CA PHE B 246 12.00 -11.02 3.11
C PHE B 246 12.24 -9.52 3.16
N PHE B 247 12.68 -8.95 2.03
CA PHE B 247 12.98 -7.53 1.91
C PHE B 247 13.96 -7.06 2.98
N VAL C 31 -15.16 33.36 -5.13
CA VAL C 31 -14.21 33.80 -4.12
C VAL C 31 -12.81 33.30 -4.44
N GLU C 32 -12.00 33.09 -3.41
CA GLU C 32 -10.61 32.66 -3.57
C GLU C 32 -10.38 31.20 -3.25
N TRP C 33 -11.20 30.59 -2.38
CA TRP C 33 -11.05 29.20 -2.01
C TRP C 33 -12.19 28.32 -2.48
N TYR C 34 -13.27 28.89 -3.01
CA TYR C 34 -14.40 28.14 -3.50
C TYR C 34 -14.78 28.63 -4.89
N GLY C 35 -15.46 27.76 -5.64
CA GLY C 35 -15.94 28.12 -6.95
C GLY C 35 -14.91 27.89 -8.04
N PRO C 36 -15.30 28.12 -9.29
CA PRO C 36 -14.37 27.93 -10.41
C PRO C 36 -13.14 28.82 -10.35
N GLY C 37 -13.26 30.01 -9.79
CA GLY C 37 -12.16 30.95 -9.78
C GLY C 37 -11.25 30.81 -8.57
N ARG C 38 -11.33 29.68 -7.88
CA ARG C 38 -10.53 29.45 -6.71
C ARG C 38 -9.06 29.20 -7.10
N GLU C 39 -8.23 28.96 -6.09
CA GLU C 39 -6.82 28.68 -6.29
C GLU C 39 -6.62 27.16 -6.34
N LEU C 40 -5.91 26.70 -7.37
CA LEU C 40 -5.80 25.28 -7.66
C LEU C 40 -4.45 24.74 -7.20
N TRP C 41 -4.25 23.44 -7.41
CA TRP C 41 -3.09 22.74 -6.87
C TRP C 41 -1.86 22.83 -7.76
N LEU C 42 -1.95 23.44 -8.94
CA LEU C 42 -0.80 23.61 -9.82
C LEU C 42 -0.60 25.04 -10.26
N GLY C 43 -1.35 25.98 -9.69
CA GLY C 43 -1.23 27.37 -10.07
C GLY C 43 -1.62 27.61 -11.51
N PRO C 44 -0.76 28.29 -12.25
CA PRO C 44 -1.07 28.58 -13.66
C PRO C 44 -1.22 27.34 -14.51
N TYR C 45 -0.51 26.26 -14.19
CA TYR C 45 -0.53 25.04 -15.00
C TYR C 45 -1.56 24.02 -14.51
N SER C 46 -2.65 24.47 -13.90
CA SER C 46 -3.65 23.55 -13.38
C SER C 46 -4.81 23.36 -14.34
N SER C 47 -5.09 24.37 -15.17
CA SER C 47 -6.17 24.28 -16.16
C SER C 47 -5.96 23.08 -17.08
N GLY C 48 -6.90 22.14 -17.05
CA GLY C 48 -6.77 20.89 -17.77
C GLY C 48 -6.39 19.71 -16.91
N ALA C 49 -5.93 19.95 -15.67
CA ALA C 49 -5.63 18.89 -14.73
C ALA C 49 -6.62 18.86 -13.57
N VAL C 50 -7.74 19.54 -13.69
CA VAL C 50 -8.74 19.60 -12.62
C VAL C 50 -9.87 18.64 -12.93
N PRO C 51 -10.12 17.64 -12.09
CA PRO C 51 -11.25 16.73 -12.34
C PRO C 51 -12.58 17.45 -12.39
N SER C 52 -13.50 16.96 -13.24
CA SER C 52 -14.79 17.61 -13.41
C SER C 52 -15.67 17.53 -12.17
N TYR C 53 -15.44 16.54 -11.30
CA TYR C 53 -16.24 16.39 -10.09
C TYR C 53 -15.73 17.24 -8.93
N LEU C 54 -14.57 17.89 -9.09
CA LEU C 54 -14.04 18.79 -8.08
C LEU C 54 -14.40 20.22 -8.51
N THR C 55 -15.56 20.68 -8.04
CA THR C 55 -16.11 21.97 -8.44
C THR C 55 -15.88 23.05 -7.40
N GLY C 56 -14.94 22.84 -6.47
CA GLY C 56 -14.67 23.82 -5.44
C GLY C 56 -15.81 24.05 -4.49
N GLU C 57 -16.48 22.99 -4.06
CA GLU C 57 -17.60 23.08 -3.13
C GLU C 57 -17.20 22.79 -1.70
N PHE C 58 -16.21 21.95 -1.49
CA PHE C 58 -15.79 21.52 -0.17
C PHE C 58 -14.44 22.13 0.20
N PRO C 59 -14.15 22.28 1.49
CA PRO C 59 -12.90 22.93 1.90
C PRO C 59 -11.67 22.18 1.41
N GLY C 60 -10.63 22.95 1.10
CA GLY C 60 -9.38 22.36 0.63
C GLY C 60 -9.45 21.81 -0.79
N ASP C 61 -10.35 22.33 -1.62
CA ASP C 61 -10.53 21.84 -2.97
C ASP C 61 -9.54 22.56 -3.88
N TYR C 62 -8.32 22.01 -3.97
CA TYR C 62 -7.32 22.50 -4.90
C TYR C 62 -7.35 21.76 -6.22
N GLY C 63 -8.26 20.81 -6.40
CA GLY C 63 -8.36 20.08 -7.65
C GLY C 63 -7.30 19.03 -7.87
N TRP C 64 -6.79 18.42 -6.81
CA TRP C 64 -5.70 17.44 -6.89
C TRP C 64 -6.30 16.05 -6.70
N ASP C 65 -6.77 15.45 -7.80
CA ASP C 65 -7.24 14.07 -7.80
C ASP C 65 -6.72 13.35 -9.04
N THR C 66 -5.41 13.45 -9.28
CA THR C 66 -4.82 12.84 -10.46
C THR C 66 -5.08 11.33 -10.53
N ALA C 67 -5.08 10.66 -9.38
CA ALA C 67 -5.34 9.23 -9.36
C ALA C 67 -6.82 8.90 -9.55
N GLY C 68 -7.70 9.88 -9.48
CA GLY C 68 -9.12 9.63 -9.65
C GLY C 68 -9.73 8.75 -8.59
N LEU C 69 -9.22 8.82 -7.36
CA LEU C 69 -9.73 8.00 -6.28
C LEU C 69 -11.06 8.49 -5.74
N SER C 70 -11.38 9.78 -5.92
CA SER C 70 -12.58 10.39 -5.38
C SER C 70 -13.60 10.70 -6.48
N ALA C 71 -13.60 9.91 -7.55
CA ALA C 71 -14.57 10.13 -8.63
C ALA C 71 -15.99 9.85 -8.16
N ASP C 72 -16.18 8.81 -7.36
CA ASP C 72 -17.49 8.49 -6.83
C ASP C 72 -17.83 9.44 -5.68
N PRO C 73 -19.00 10.10 -5.71
CA PRO C 73 -19.33 11.04 -4.62
C PRO C 73 -19.35 10.40 -3.25
N GLU C 74 -19.82 9.16 -3.13
CA GLU C 74 -19.82 8.47 -1.84
C GLU C 74 -18.38 8.26 -1.36
N SER C 75 -17.53 7.72 -2.23
CA SER C 75 -16.11 7.59 -1.91
C SER C 75 -15.47 8.95 -1.70
N PHE C 76 -15.92 9.97 -2.42
CA PHE C 76 -15.39 11.32 -2.23
C PHE C 76 -15.65 11.80 -0.81
N ARG C 77 -16.86 11.62 -0.31
CA ARG C 77 -17.17 12.16 1.02
C ARG C 77 -16.59 11.28 2.12
N ARG C 78 -16.47 9.97 1.87
CA ARG C 78 -15.70 9.13 2.78
C ARG C 78 -14.26 9.59 2.87
N TYR C 79 -13.63 9.90 1.73
CA TYR C 79 -12.25 10.37 1.74
C TYR C 79 -12.13 11.73 2.41
N ARG C 80 -13.14 12.60 2.24
CA ARG C 80 -13.13 13.88 2.94
C ARG C 80 -13.17 13.69 4.44
N GLU C 81 -14.04 12.79 4.92
CA GLU C 81 -14.11 12.50 6.34
C GLU C 81 -12.78 11.94 6.86
N ILE C 82 -12.21 10.98 6.13
CA ILE C 82 -10.95 10.39 6.55
C ILE C 82 -9.84 11.44 6.57
N GLU C 83 -9.80 12.30 5.55
CA GLU C 83 -8.78 13.32 5.48
C GLU C 83 -8.90 14.32 6.62
N LEU C 84 -10.12 14.73 6.97
CA LEU C 84 -10.29 15.68 8.06
C LEU C 84 -9.90 15.05 9.40
N ILE C 85 -10.31 13.80 9.64
CA ILE C 85 -9.95 13.15 10.89
C ILE C 85 -8.43 12.97 10.96
N HIS C 86 -7.80 12.57 9.86
CA HIS C 86 -6.35 12.45 9.81
C HIS C 86 -5.69 13.79 10.07
N ALA C 87 -6.23 14.86 9.49
CA ALA C 87 -5.64 16.18 9.68
C ALA C 87 -5.68 16.61 11.14
N ARG C 88 -6.82 16.41 11.80
CA ARG C 88 -6.92 16.78 13.20
C ARG C 88 -5.99 15.94 14.07
N TRP C 89 -5.96 14.62 13.82
CA TRP C 89 -5.07 13.76 14.57
C TRP C 89 -3.61 14.12 14.34
N ALA C 90 -3.27 14.53 13.12
CA ALA C 90 -1.89 14.88 12.80
C ALA C 90 -1.49 16.20 13.43
N MET C 91 -2.40 17.18 13.48
CA MET C 91 -2.10 18.42 14.18
C MET C 91 -1.86 18.15 15.67
N MET C 92 -2.75 17.37 16.29
CA MET C 92 -2.54 17.03 17.69
C MET C 92 -1.23 16.28 17.89
N GLY C 93 -0.93 15.33 17.01
CA GLY C 93 0.29 14.55 17.16
C GLY C 93 1.55 15.38 16.94
N THR C 94 1.52 16.31 15.98
CA THR C 94 2.67 17.17 15.76
C THR C 94 2.94 18.04 16.97
N VAL C 95 1.88 18.62 17.54
CA VAL C 95 2.08 19.44 18.75
C VAL C 95 2.61 18.58 19.89
N GLY C 96 2.05 17.38 20.08
CA GLY C 96 2.45 16.53 21.18
C GLY C 96 3.79 15.84 20.98
N CYS C 97 4.31 15.82 19.75
CA CYS C 97 5.64 15.29 19.52
C CYS C 97 6.69 16.39 19.64
N LEU C 98 6.34 17.62 19.24
CA LEU C 98 7.28 18.72 19.37
C LEU C 98 7.40 19.21 20.81
N THR C 99 6.32 19.18 21.58
CA THR C 99 6.34 19.78 22.91
C THR C 99 7.36 19.16 23.86
N PRO C 100 7.42 17.83 24.06
CA PRO C 100 8.33 17.31 25.09
C PRO C 100 9.80 17.48 24.73
N GLU C 101 10.18 17.20 23.49
CA GLU C 101 11.58 17.35 23.11
C GLU C 101 12.02 18.81 23.17
N ALA C 102 11.15 19.73 22.76
CA ALA C 102 11.47 21.15 22.87
C ALA C 102 11.61 21.56 24.32
N LEU C 103 10.74 21.04 25.20
CA LEU C 103 10.86 21.36 26.62
C LEU C 103 12.13 20.80 27.23
N GLU C 104 12.58 19.64 26.77
CA GLU C 104 13.80 19.05 27.35
C GLU C 104 15.04 19.85 26.94
N ARG C 105 15.14 20.18 25.66
CA ARG C 105 16.35 20.84 25.17
C ARG C 105 16.39 22.32 25.56
N TYR C 106 15.28 23.03 25.40
CA TYR C 106 15.25 24.47 25.57
C TYR C 106 14.68 24.90 26.91
N THR C 107 14.48 23.96 27.83
CA THR C 107 13.99 24.28 29.17
C THR C 107 14.56 23.22 30.12
N GLY C 108 14.37 23.38 31.43
CA GLY C 108 14.98 22.48 32.40
C GLY C 108 14.19 21.21 32.65
N ALA C 109 13.20 20.92 31.81
CA ALA C 109 12.40 19.71 31.96
C ALA C 109 13.28 18.48 31.79
N THR C 110 12.94 17.43 32.53
CA THR C 110 13.80 16.24 32.62
C THR C 110 13.05 14.96 32.30
N PHE C 111 12.36 14.93 31.16
CA PHE C 111 11.63 13.73 30.76
C PHE C 111 12.58 12.55 30.63
N GLY C 112 12.08 11.36 30.97
CA GLY C 112 12.87 10.16 30.81
C GLY C 112 13.25 9.90 29.36
N GLU C 113 12.29 10.07 28.45
CA GLU C 113 12.56 9.95 27.02
C GLU C 113 11.69 10.99 26.31
N SER C 114 12.27 12.16 26.05
CA SER C 114 11.51 13.24 25.42
C SER C 114 11.25 12.95 23.95
N VAL C 115 12.08 12.11 23.32
CA VAL C 115 11.92 11.81 21.90
C VAL C 115 10.59 11.09 21.68
N TRP C 116 9.86 11.51 20.64
CA TRP C 116 8.50 11.04 20.46
C TRP C 116 8.45 9.54 20.15
N PHE C 117 9.36 9.05 19.31
CA PHE C 117 9.30 7.65 18.93
C PHE C 117 9.95 6.73 19.96
N LYS C 118 10.56 7.29 21.00
CA LYS C 118 11.06 6.53 22.13
C LYS C 118 10.28 6.81 23.41
N ALA C 119 9.17 7.55 23.31
CA ALA C 119 8.36 7.87 24.49
C ALA C 119 7.56 6.67 24.96
N GLY C 120 7.13 5.80 24.06
CA GLY C 120 6.38 4.63 24.48
C GLY C 120 7.20 3.64 25.29
N ALA C 121 8.53 3.70 25.15
CA ALA C 121 9.40 2.75 25.82
C ALA C 121 9.58 3.03 27.31
N GLN C 122 9.16 4.20 27.80
CA GLN C 122 9.32 4.46 29.23
C GLN C 122 8.42 3.56 30.08
N ILE C 123 7.35 3.03 29.49
CA ILE C 123 6.46 2.15 30.26
C ILE C 123 7.19 0.87 30.65
N PHE C 124 8.24 0.50 29.93
CA PHE C 124 9.04 -0.66 30.26
C PHE C 124 10.19 -0.35 31.20
N SER C 125 10.33 0.91 31.61
CA SER C 125 11.42 1.32 32.48
C SER C 125 11.04 1.05 33.94
N ASP C 126 11.92 1.46 34.86
CA ASP C 126 11.69 1.18 36.27
C ASP C 126 10.53 2.01 36.82
N ASP C 127 10.43 3.27 36.40
CA ASP C 127 9.43 4.18 36.95
C ASP C 127 8.25 4.42 36.02
N GLY C 128 8.28 3.93 34.80
CA GLY C 128 7.16 4.12 33.90
C GLY C 128 7.04 5.56 33.41
N LEU C 129 5.87 5.85 32.84
CA LEU C 129 5.59 7.18 32.34
C LEU C 129 5.36 8.15 33.50
N ASN C 130 6.22 9.15 33.61
CA ASN C 130 6.06 10.24 34.56
C ASN C 130 5.81 11.52 33.77
N TYR C 131 4.67 12.15 34.02
CA TYR C 131 4.33 13.36 33.27
C TYR C 131 5.21 14.51 33.72
N LEU C 132 5.83 15.18 32.75
CA LEU C 132 6.81 16.24 32.98
C LEU C 132 8.00 15.77 33.81
N GLY C 133 8.20 14.45 33.93
CA GLY C 133 9.31 13.90 34.67
C GLY C 133 9.10 13.78 36.16
N LYS C 134 7.96 14.20 36.69
CA LYS C 134 7.71 14.14 38.13
C LYS C 134 7.10 12.80 38.51
N PRO C 135 7.73 12.04 39.42
CA PRO C 135 7.09 10.82 39.92
C PRO C 135 5.67 10.99 40.41
N GLU C 136 5.27 12.19 40.81
CA GLU C 136 3.97 12.40 41.44
C GLU C 136 2.84 12.63 40.44
N LEU C 137 3.13 12.65 39.14
CA LEU C 137 2.12 12.88 38.11
C LEU C 137 1.90 11.60 37.33
N ILE C 138 0.65 11.09 37.38
CA ILE C 138 0.25 9.87 36.68
C ILE C 138 1.08 8.69 37.15
N HIS C 139 2.37 8.67 36.83
CA HIS C 139 3.29 7.64 37.31
C HIS C 139 2.80 6.24 36.91
N ALA C 140 2.73 6.01 35.61
CA ALA C 140 2.22 4.74 35.10
C ALA C 140 3.18 3.60 35.39
N GLN C 141 2.62 2.43 35.64
CA GLN C 141 3.39 1.20 35.86
C GLN C 141 2.95 0.01 35.03
N SER C 142 1.68 -0.08 34.62
CA SER C 142 1.17 -1.22 33.87
C SER C 142 0.69 -0.74 32.51
N ILE C 143 1.14 -1.43 31.46
CA ILE C 143 0.74 -1.09 30.09
C ILE C 143 -0.64 -1.69 29.82
N LEU C 144 -1.02 -2.70 30.59
CA LEU C 144 -2.32 -3.36 30.43
C LEU C 144 -3.48 -2.44 30.74
N ALA C 145 -3.45 -1.77 31.90
CA ALA C 145 -4.50 -0.83 32.25
C ALA C 145 -4.55 0.31 31.24
N ILE C 146 -3.39 0.77 30.77
CA ILE C 146 -3.36 1.83 29.76
C ILE C 146 -4.09 1.38 28.50
N VAL C 147 -3.76 0.19 28.01
CA VAL C 147 -4.37 -0.29 26.76
C VAL C 147 -5.87 -0.49 26.91
N TRP C 148 -6.30 -1.12 27.98
CA TRP C 148 -7.75 -1.31 28.07
C TRP C 148 -8.39 0.06 28.19
N THR C 149 -8.01 0.83 29.17
CA THR C 149 -8.67 2.11 29.36
C THR C 149 -8.76 2.88 28.05
N GLN C 150 -7.66 2.90 27.29
CA GLN C 150 -7.66 3.62 26.03
C GLN C 150 -8.63 3.01 25.03
N VAL C 151 -8.66 1.68 24.91
CA VAL C 151 -9.54 1.08 23.92
C VAL C 151 -10.99 1.30 24.30
N LEU C 152 -11.33 1.20 25.59
CA LEU C 152 -12.72 1.45 26.01
C LEU C 152 -13.11 2.91 25.73
N ILE C 153 -12.26 3.85 26.17
CA ILE C 153 -12.58 5.26 26.03
C ILE C 153 -12.69 5.65 24.56
N MET C 154 -11.74 5.21 23.74
CA MET C 154 -11.77 5.56 22.32
C MET C 154 -12.88 4.84 21.58
N GLY C 155 -13.25 3.63 22.01
CA GLY C 155 -14.40 2.99 21.41
C GLY C 155 -15.67 3.77 21.64
N PHE C 156 -15.89 4.21 22.89
CA PHE C 156 -17.05 5.05 23.16
C PHE C 156 -16.97 6.37 22.38
N ALA C 157 -15.79 6.99 22.33
CA ALA C 157 -15.65 8.27 21.65
C ALA C 157 -15.94 8.14 20.15
N GLU C 158 -15.42 7.10 19.51
CA GLU C 158 -15.62 6.93 18.08
C GLU C 158 -17.05 6.49 17.77
N GLY C 159 -17.65 5.67 18.65
CA GLY C 159 -19.05 5.35 18.49
C GLY C 159 -19.93 6.57 18.58
N TYR C 160 -19.60 7.49 19.50
CA TYR C 160 -20.34 8.76 19.58
C TYR C 160 -20.08 9.61 18.35
N ARG C 161 -18.85 9.61 17.83
CA ARG C 161 -18.54 10.40 16.65
C ARG C 161 -19.34 9.94 15.44
N VAL C 162 -19.47 8.63 15.26
CA VAL C 162 -20.17 8.12 14.09
C VAL C 162 -21.66 8.01 14.34
N ASN C 163 -22.09 8.07 15.60
CA ASN C 163 -23.48 7.85 15.96
C ASN C 163 -24.14 9.02 16.68
N GLY C 164 -23.43 9.71 17.55
CA GLY C 164 -24.04 10.67 18.44
C GLY C 164 -24.19 10.11 19.86
N GLY C 165 -24.19 11.01 20.82
CA GLY C 165 -24.26 10.62 22.22
C GLY C 165 -24.48 11.79 23.14
N PRO C 166 -23.77 11.79 24.28
CA PRO C 166 -23.98 12.84 25.28
C PRO C 166 -23.69 14.24 24.75
N ALA C 167 -22.77 14.38 23.82
CA ALA C 167 -22.36 15.69 23.30
C ALA C 167 -22.99 15.99 21.95
N GLY C 168 -24.21 15.53 21.72
CA GLY C 168 -24.89 15.80 20.47
C GLY C 168 -25.38 14.54 19.77
N GLU C 169 -26.62 14.56 19.30
CA GLU C 169 -27.22 13.41 18.63
C GLU C 169 -27.15 13.51 17.11
N GLY C 170 -27.59 14.64 16.55
CA GLY C 170 -27.55 14.82 15.11
C GLY C 170 -26.25 15.45 14.65
N LEU C 171 -26.34 16.62 14.02
CA LEU C 171 -25.19 17.41 13.60
C LEU C 171 -24.37 16.72 12.52
N ASP C 172 -23.49 17.48 11.87
CA ASP C 172 -22.64 16.92 10.83
C ASP C 172 -21.64 15.92 11.41
N ARG C 173 -21.23 14.97 10.58
CA ARG C 173 -20.25 13.98 11.00
C ARG C 173 -18.83 14.53 11.07
N LEU C 174 -18.58 15.68 10.44
CA LEU C 174 -17.26 16.31 10.46
C LEU C 174 -17.24 17.62 11.23
N TYR C 175 -18.32 18.39 11.18
CA TYR C 175 -18.41 19.69 11.85
C TYR C 175 -19.65 19.71 12.72
N PRO C 176 -19.65 18.99 13.85
CA PRO C 176 -20.84 18.95 14.69
C PRO C 176 -21.17 20.29 15.32
N GLY C 177 -20.17 20.96 15.87
CA GLY C 177 -20.43 22.23 16.53
C GLY C 177 -21.17 22.04 17.85
N GLU C 178 -21.97 23.04 18.19
CA GLU C 178 -22.75 23.05 19.43
C GLU C 178 -21.87 22.83 20.65
N ALA C 179 -21.79 21.59 21.12
CA ALA C 179 -20.95 21.28 22.27
C ALA C 179 -19.46 21.30 21.92
N PHE C 180 -19.11 21.15 20.65
CA PHE C 180 -17.72 21.19 20.21
C PHE C 180 -17.32 22.54 19.62
N ASP C 181 -18.22 23.52 19.66
CA ASP C 181 -17.90 24.90 19.27
C ASP C 181 -18.41 25.82 20.35
N PRO C 182 -17.80 25.78 21.55
CA PRO C 182 -18.33 26.59 22.65
C PRO C 182 -18.09 28.07 22.47
N LEU C 183 -16.97 28.45 21.87
CA LEU C 183 -16.66 29.88 21.69
C LEU C 183 -17.54 30.52 20.62
N GLY C 184 -18.28 29.73 19.85
CA GLY C 184 -19.14 30.29 18.82
C GLY C 184 -18.40 30.97 17.70
N LEU C 185 -17.21 30.45 17.33
CA LEU C 185 -16.46 31.05 16.24
C LEU C 185 -17.09 30.76 14.88
N ALA C 186 -17.75 29.62 14.74
CA ALA C 186 -18.35 29.21 13.47
C ALA C 186 -19.84 29.56 13.44
N ASP C 187 -20.12 30.85 13.47
CA ASP C 187 -21.49 31.34 13.37
C ASP C 187 -21.80 32.05 12.07
N ASP C 188 -20.85 32.81 11.53
CA ASP C 188 -21.04 33.48 10.24
C ASP C 188 -20.65 32.52 9.13
N PRO C 189 -21.54 32.24 8.17
CA PRO C 189 -21.21 31.23 7.15
C PRO C 189 -19.95 31.52 6.36
N GLU C 190 -19.68 32.78 6.02
CA GLU C 190 -18.44 33.11 5.31
C GLU C 190 -17.23 32.86 6.18
N THR C 191 -17.28 33.30 7.45
CA THR C 191 -16.19 33.02 8.37
C THR C 191 -16.09 31.52 8.64
N PHE C 192 -17.22 30.81 8.67
CA PHE C 192 -17.17 29.37 8.82
C PHE C 192 -16.43 28.72 7.66
N ALA C 193 -16.72 29.13 6.43
CA ALA C 193 -16.02 28.57 5.28
C ALA C 193 -14.54 28.90 5.30
N GLU C 194 -14.19 30.14 5.66
CA GLU C 194 -12.79 30.51 5.74
C GLU C 194 -12.07 29.72 6.83
N LEU C 195 -12.71 29.52 7.97
CA LEU C 195 -12.11 28.73 9.04
C LEU C 195 -11.95 27.28 8.63
N LYS C 196 -12.90 26.74 7.86
CA LYS C 196 -12.76 25.38 7.35
C LYS C 196 -11.57 25.28 6.40
N ILE C 197 -11.38 26.27 5.54
CA ILE C 197 -10.21 26.30 4.67
C ILE C 197 -8.93 26.32 5.50
N LYS C 198 -8.90 27.18 6.51
CA LYS C 198 -7.72 27.27 7.37
C LYS C 198 -7.45 25.96 8.08
N GLU C 199 -8.51 25.32 8.60
CA GLU C 199 -8.36 24.06 9.32
C GLU C 199 -7.82 22.97 8.40
N ILE C 200 -8.38 22.85 7.20
CA ILE C 200 -7.95 21.78 6.31
C ILE C 200 -6.52 22.02 5.83
N LYS C 201 -6.16 23.28 5.57
CA LYS C 201 -4.80 23.56 5.13
C LYS C 201 -3.79 23.30 6.25
N ASN C 202 -4.11 23.73 7.48
CA ASN C 202 -3.22 23.47 8.60
C ASN C 202 -3.10 21.97 8.86
N GLY C 203 -4.21 21.24 8.72
CA GLY C 203 -4.16 19.80 8.92
C GLY C 203 -3.35 19.09 7.86
N ARG C 204 -3.44 19.52 6.61
CA ARG C 204 -2.61 18.95 5.57
C ARG C 204 -1.14 19.25 5.81
N LEU C 205 -0.83 20.48 6.26
CA LEU C 205 0.55 20.82 6.60
C LEU C 205 1.06 19.94 7.74
N ALA C 206 0.21 19.70 8.74
CA ALA C 206 0.62 18.86 9.87
C ALA C 206 0.76 17.41 9.47
N MET C 207 -0.07 16.92 8.54
CA MET C 207 0.10 15.57 8.02
C MET C 207 1.43 15.43 7.28
N PHE C 208 1.76 16.44 6.47
CA PHE C 208 3.07 16.47 5.81
C PHE C 208 4.19 16.45 6.83
N ALA C 209 4.06 17.26 7.88
CA ALA C 209 5.09 17.32 8.92
C ALA C 209 5.19 16.00 9.66
N MET C 210 4.07 15.32 9.88
CA MET C 210 4.09 14.06 10.61
C MET C 210 4.73 12.96 9.76
N PHE C 211 4.46 12.97 8.46
CA PHE C 211 5.17 12.08 7.55
C PHE C 211 6.67 12.36 7.57
N GLY C 212 7.03 13.65 7.60
CA GLY C 212 8.44 13.99 7.75
C GLY C 212 9.03 13.49 9.06
N PHE C 213 8.25 13.55 10.13
CA PHE C 213 8.71 13.02 11.41
C PHE C 213 8.98 11.54 11.32
N PHE C 214 8.05 10.80 10.70
CA PHE C 214 8.23 9.36 10.50
C PHE C 214 9.50 9.07 9.72
N VAL C 215 9.70 9.78 8.60
CA VAL C 215 10.84 9.48 7.74
C VAL C 215 12.14 9.85 8.42
N GLN C 216 12.17 10.99 9.12
CA GLN C 216 13.38 11.38 9.87
C GLN C 216 13.69 10.37 10.96
N ALA C 217 12.67 9.89 11.67
CA ALA C 217 12.89 8.89 12.69
C ALA C 217 13.45 7.60 12.10
N ILE C 218 12.92 7.18 10.96
CA ILE C 218 13.40 5.96 10.32
C ILE C 218 14.85 6.12 9.85
N GLN C 219 15.15 7.24 9.20
CA GLN C 219 16.48 7.42 8.62
C GLN C 219 17.48 7.94 9.65
N THR C 220 17.23 9.13 10.20
CA THR C 220 18.20 9.75 11.09
C THR C 220 18.23 9.08 12.46
N GLY C 221 17.07 8.67 12.97
CA GLY C 221 17.01 8.06 14.29
C GLY C 221 17.01 9.03 15.44
N LYS C 222 16.87 10.33 15.18
CA LYS C 222 16.88 11.35 16.21
C LYS C 222 15.65 12.23 16.06
N GLY C 223 15.28 12.88 17.17
CA GLY C 223 14.02 13.60 17.25
C GLY C 223 13.95 14.81 16.35
N PRO C 224 12.72 15.24 16.03
CA PRO C 224 12.55 16.40 15.15
C PRO C 224 13.21 17.67 15.65
N VAL C 225 13.15 17.91 16.97
CA VAL C 225 13.80 19.10 17.51
C VAL C 225 15.32 19.00 17.37
N GLU C 226 15.86 17.80 17.60
CA GLU C 226 17.29 17.60 17.40
C GLU C 226 17.68 17.80 15.94
N CYS C 227 16.85 17.29 15.02
CA CYS C 227 17.12 17.49 13.60
C CYS C 227 17.10 18.97 13.25
N TRP C 228 16.12 19.71 13.75
CA TRP C 228 16.02 21.14 13.47
C TRP C 228 17.21 21.90 14.03
N ALA C 229 17.63 21.56 15.26
CA ALA C 229 18.79 22.23 15.85
C ALA C 229 20.06 21.93 15.08
N GLU C 230 20.26 20.67 14.68
CA GLU C 230 21.43 20.32 13.89
C GLU C 230 21.43 21.02 12.55
N HIS C 231 20.25 21.15 11.92
CA HIS C 231 20.18 21.81 10.63
C HIS C 231 20.48 23.30 10.76
N VAL C 232 19.83 23.98 11.71
CA VAL C 232 20.10 25.41 11.90
C VAL C 232 21.50 25.67 12.41
N ALA C 233 22.19 24.64 12.92
CA ALA C 233 23.59 24.81 13.27
C ALA C 233 24.46 24.87 12.02
N ASP C 234 24.42 23.82 11.20
CA ASP C 234 25.18 23.76 9.96
C ASP C 234 24.23 23.37 8.83
N PRO C 235 23.55 24.34 8.22
CA PRO C 235 22.55 24.01 7.20
C PRO C 235 23.09 23.25 6.01
N PHE C 236 24.31 23.57 5.56
CA PHE C 236 24.85 22.92 4.37
C PHE C 236 25.51 21.60 4.69
N GLY C 237 25.98 21.41 5.93
CA GLY C 237 26.61 20.17 6.32
C GLY C 237 25.64 19.13 6.83
N SER C 238 24.82 19.51 7.81
CA SER C 238 23.89 18.60 8.45
C SER C 238 22.51 18.70 7.79
N ASN C 239 22.48 18.43 6.49
CA ASN C 239 21.24 18.40 5.72
C ASN C 239 20.82 16.96 5.48
N GLY C 240 19.75 16.78 4.70
CA GLY C 240 19.22 15.44 4.46
C GLY C 240 20.05 14.61 3.50
N PHE C 241 20.86 15.24 2.66
CA PHE C 241 21.69 14.52 1.69
C PHE C 241 22.98 14.09 2.38
N ASN C 242 22.91 12.94 3.05
CA ASN C 242 24.04 12.36 3.76
C ASN C 242 24.29 10.94 3.28
N VAL C 243 25.54 10.50 3.40
CA VAL C 243 25.91 9.16 2.95
C VAL C 243 25.17 8.10 3.75
N ASP C 244 25.23 8.21 5.08
CA ASP C 244 24.59 7.21 5.93
C ASP C 244 23.08 7.40 5.98
N GLN C 245 22.60 8.64 5.91
CA GLN C 245 21.18 8.91 5.97
C GLN C 245 20.44 8.51 4.71
N MET C 246 21.16 8.18 3.63
CA MET C 246 20.53 7.77 2.39
C MET C 246 20.96 6.39 1.93
N SER C 247 21.82 5.70 2.68
CA SER C 247 22.30 4.38 2.27
C SER C 247 21.23 3.31 2.40
N LYS C 248 20.13 3.57 3.10
CA LYS C 248 19.07 2.60 3.27
C LYS C 248 17.73 3.25 2.97
N PHE C 249 16.80 2.46 2.46
CA PHE C 249 15.45 2.93 2.13
C PHE C 249 14.47 2.34 3.14
N LEU C 250 13.95 3.20 4.02
CA LEU C 250 12.99 2.80 5.04
C LEU C 250 13.53 1.66 5.90
N PHE C 251 14.69 1.90 6.50
CA PHE C 251 15.36 0.93 7.36
C PHE C 251 15.61 -0.40 6.64
#